data_7RY4
#
_entry.id   7RY4
#
_cell.length_a   36.243
_cell.length_b   74.554
_cell.length_c   50.966
_cell.angle_alpha   90.000
_cell.angle_beta   110.701
_cell.angle_gamma   90.000
#
_symmetry.space_group_name_H-M   'P 1 21 1'
#
loop_
_entity.id
_entity.type
_entity.pdbx_description
1 polymer 'Steroid Delta-isomerase'
2 non-polymer 'CHLORIDE ION'
3 non-polymer 'MAGNESIUM ION'
4 non-polymer (9beta,13alpha)-3-hydroxyestra-1,3,5(10)-trien-17-one
5 water water
#
_entity_poly.entity_id   1
_entity_poly.type   'polypeptide(L)'
_entity_poly.pdbx_seq_one_letter_code
;MNLPTAQEVQGLMARYIELVDVGDIEAIVQMYADDATVENPFGQPPIHGREQIAAFFRQGLGGGKVRACLTGPVRASHNG
CGAMPFRVEMVWNGQPCALDVIDVMRFDEHGRIQTMQAYWSEVNLSVREPQ
;
_entity_poly.pdbx_strand_id   A,B
#
# COMPACT_ATOMS: atom_id res chain seq x y z
N MET A 1 -18.28 13.46 -10.25
N MET A 1 -12.76 21.26 -2.10
N MET A 1 -18.68 13.25 -7.89
CA MET A 1 -17.57 13.34 -8.94
CA MET A 1 -12.65 19.77 -2.12
CA MET A 1 -17.92 13.18 -9.18
C MET A 1 -16.41 14.34 -8.91
C MET A 1 -13.07 19.24 -3.49
C MET A 1 -16.86 14.26 -9.20
N ASN A 2 -16.09 14.86 -7.73
N ASN A 2 -12.12 19.20 -4.43
N ASN A 2 -16.45 14.72 -8.01
CA ASN A 2 -15.02 15.84 -7.56
CA ASN A 2 -12.42 18.70 -5.77
CA ASN A 2 -15.28 15.58 -7.88
C ASN A 2 -13.75 15.13 -7.09
C ASN A 2 -12.01 17.25 -5.97
C ASN A 2 -14.14 14.72 -7.31
N LEU A 3 -12.81 15.89 -6.51
N LEU A 3 -11.23 16.68 -5.07
N LEU A 3 -13.20 15.35 -6.63
CA LEU A 3 -11.61 15.26 -5.95
CA LEU A 3 -10.87 15.27 -5.21
CA LEU A 3 -12.12 14.56 -6.03
C LEU A 3 -12.08 14.31 -4.85
C LEU A 3 -11.87 14.41 -4.45
C LEU A 3 -12.75 13.67 -4.97
N PRO A 4 -11.95 12.99 -5.03
N PRO A 4 -11.98 13.14 -4.79
N PRO A 4 -12.57 12.35 -5.05
CA PRO A 4 -12.73 12.08 -4.20
CA PRO A 4 -12.96 12.27 -4.11
CA PRO A 4 -13.32 11.46 -4.15
C PRO A 4 -12.38 12.21 -2.72
C PRO A 4 -12.67 12.19 -2.62
C PRO A 4 -12.93 11.67 -2.68
N THR A 5 -13.41 12.21 -1.90
N THR A 5 -13.73 11.91 -1.87
N THR A 5 -13.94 11.64 -1.81
CA THR A 5 -13.24 12.08 -0.47
CA THR A 5 -13.61 11.76 -0.42
CA THR A 5 -13.67 11.60 -0.38
C THR A 5 -12.69 10.70 -0.14
C THR A 5 -12.97 10.42 -0.08
C THR A 5 -13.16 10.21 0.01
N ALA A 6 -12.23 10.54 1.11
N ALA A 6 -12.56 10.27 1.18
N ALA A 6 -12.77 10.05 1.28
CA ALA A 6 -11.76 9.23 1.55
CA ALA A 6 -12.00 9.01 1.63
CA ALA A 6 -12.23 8.78 1.74
C ALA A 6 -12.84 8.16 1.34
C ALA A 6 -13.02 7.88 1.50
C ALA A 6 -13.20 7.62 1.50
N GLN A 7 -14.11 8.49 1.62
N GLN A 7 -14.28 8.17 1.78
N GLN A 7 -14.45 7.78 1.91
CA GLN A 7 -15.18 7.51 1.44
CA GLN A 7 -15.29 7.12 1.74
CA GLN A 7 -15.46 6.77 1.60
C GLN A 7 -15.36 7.15 -0.04
C GLN A 7 -15.52 6.65 0.31
C GLN A 7 -15.58 6.61 0.09
N GLU A 8 -15.24 8.13 -0.93
N GLU A 8 -15.57 7.59 -0.64
N GLU A 8 -15.47 7.70 -0.65
CA GLU A 8 -15.40 7.82 -2.35
CA GLU A 8 -15.79 7.24 -2.03
CA GLU A 8 -15.58 7.62 -2.11
C GLU A 8 -14.23 6.99 -2.85
C GLU A 8 -14.61 6.48 -2.60
C GLU A 8 -14.43 6.83 -2.70
N VAL A 9 -13.01 7.30 -2.39
N VAL A 9 -13.39 6.78 -2.15
N VAL A 9 -13.21 7.07 -2.20
CA VAL A 9 -11.83 6.50 -2.76
CA VAL A 9 -12.23 6.01 -2.54
CA VAL A 9 -12.04 6.29 -2.64
C VAL A 9 -12.08 5.04 -2.46
C VAL A 9 -12.45 4.52 -2.27
C VAL A 9 -12.20 4.82 -2.26
N GLN A 10 -12.53 4.75 -1.24
N GLN A 10 -12.97 4.18 -1.08
N GLN A 10 -12.72 4.54 -1.06
CA GLN A 10 -12.80 3.35 -0.88
CA GLN A 10 -13.14 2.78 -0.75
CA GLN A 10 -13.01 3.14 -0.72
C GLN A 10 -13.79 2.71 -1.85
C GLN A 10 -14.12 2.11 -1.70
C GLN A 10 -13.94 2.51 -1.75
N GLY A 11 -14.85 3.42 -2.20
N GLY A 11 -15.16 2.82 -2.08
N GLY A 11 -14.99 3.22 -2.13
CA GLY A 11 -15.84 2.85 -3.11
CA GLY A 11 -16.10 2.23 -3.03
CA GLY A 11 -15.92 2.66 -3.09
C GLY A 11 -15.31 2.64 -4.53
C GLY A 11 -15.50 2.10 -4.42
C GLY A 11 -15.31 2.42 -4.46
N LEU A 12 -14.49 3.57 -5.00
N LEU A 12 -14.78 3.12 -4.88
N LEU A 12 -14.57 3.42 -4.97
CA LEU A 12 -13.92 3.42 -6.34
CA LEU A 12 -14.19 3.06 -6.21
CA LEU A 12 -13.99 3.33 -6.29
C LEU A 12 -12.95 2.26 -6.40
C LEU A 12 -13.20 1.92 -6.31
C LEU A 12 -12.99 2.19 -6.39
N MET A 13 -12.12 2.11 -5.38
N MET A 13 -12.38 1.74 -5.28
N MET A 13 -12.08 2.11 -5.43
CA MET A 13 -11.12 1.06 -5.43
CA MET A 13 -11.33 0.73 -5.34
CA MET A 13 -11.05 1.07 -5.49
C MET A 13 -11.75 -0.32 -5.22
C MET A 13 -11.90 -0.66 -5.18
C MET A 13 -11.65 -0.33 -5.35
N ALA A 14 -12.86 -0.40 -4.50
N ALA A 14 -12.93 -0.81 -4.37
N ALA A 14 -12.69 -0.49 -4.52
CA ALA A 14 -13.53 -1.68 -4.31
CA ALA A 14 -13.68 -2.06 -4.37
CA ALA A 14 -13.36 -1.79 -4.43
C ALA A 14 -14.15 -2.19 -5.62
C ALA A 14 -14.36 -2.26 -5.71
C ALA A 14 -14.02 -2.18 -5.75
N ARG A 15 -14.89 -1.33 -6.32
N ARG A 15 -14.91 -1.18 -6.27
N ARG A 15 -14.65 -1.23 -6.44
CA ARG A 15 -15.50 -1.74 -7.58
CA ARG A 15 -15.50 -1.25 -7.60
CA ARG A 15 -15.23 -1.54 -7.74
C ARG A 15 -14.43 -2.19 -8.56
C ARG A 15 -14.45 -1.69 -8.61
C ARG A 15 -14.17 -1.97 -8.74
N TYR A 16 -13.30 -1.47 -8.59
N TYR A 16 -13.30 -1.02 -8.62
N TYR A 16 -12.99 -1.37 -8.71
CA TYR A 16 -12.19 -1.80 -9.46
CA TYR A 16 -12.21 -1.42 -9.53
CA TYR A 16 -11.93 -1.78 -9.61
C TYR A 16 -11.87 -3.29 -9.40
C TYR A 16 -11.88 -2.90 -9.41
C TYR A 16 -11.63 -3.26 -9.46
N ILE A 17 -11.51 -3.78 -8.21
N ILE A 17 -11.77 -3.41 -8.18
N ILE A 17 -11.58 -3.73 -8.20
CA ILE A 17 -11.14 -5.19 -8.11
CA ILE A 17 -11.42 -4.82 -8.00
CA ILE A 17 -11.37 -5.17 -7.94
C ILE A 17 -12.24 -6.11 -8.64
C ILE A 17 -12.54 -5.73 -8.51
C ILE A 17 -12.52 -5.99 -8.50
N GLU A 18 -13.51 -5.77 -8.41
N GLU A 18 -13.80 -5.35 -8.27
N GLU A 18 -13.74 -5.48 -8.36
CA GLU A 18 -14.60 -6.56 -8.98
CA GLU A 18 -14.90 -6.14 -8.79
CA GLU A 18 -14.88 -6.19 -8.95
C GLU A 18 -14.52 -6.61 -10.50
C GLU A 18 -14.84 -6.22 -10.31
C GLU A 18 -14.69 -6.35 -10.45
N LEU A 19 -14.13 -5.51 -11.14
N LEU A 19 -14.43 -5.14 -10.98
N LEU A 19 -14.24 -5.29 -11.14
CA LEU A 19 -14.01 -5.49 -12.60
CA LEU A 19 -14.34 -5.13 -12.44
CA LEU A 19 -14.05 -5.38 -12.59
C LEU A 19 -12.81 -6.30 -13.09
C LEU A 19 -13.21 -6.01 -12.93
C LEU A 19 -12.96 -6.38 -12.95
N VAL A 20 -11.70 -6.25 -12.35
N VAL A 20 -12.09 -6.02 -12.21
N VAL A 20 -11.80 -6.31 -12.28
CA VAL A 20 -10.58 -7.14 -12.66
CA VAL A 20 -10.98 -6.89 -12.57
CA VAL A 20 -10.74 -7.27 -12.57
C VAL A 20 -11.05 -8.57 -12.59
C VAL A 20 -11.38 -8.34 -12.41
C VAL A 20 -11.23 -8.69 -12.32
N ASP A 21 -11.70 -8.93 -11.48
N ASP A 21 -12.08 -8.65 -11.32
N ASP A 21 -12.05 -8.86 -11.28
CA ASP A 21 -12.13 -10.30 -11.25
CA ASP A 21 -12.45 -10.03 -11.03
CA ASP A 21 -12.57 -10.19 -10.97
C ASP A 21 -13.04 -10.79 -12.38
C ASP A 21 -13.26 -10.67 -12.14
C ASP A 21 -13.56 -10.68 -12.02
N VAL A 22 -13.97 -9.95 -12.83
N VAL A 22 -14.23 -9.93 -12.70
N VAL A 22 -14.46 -9.79 -12.49
CA VAL A 22 -14.89 -10.36 -13.89
CA VAL A 22 -15.03 -10.53 -13.76
CA VAL A 22 -15.43 -10.17 -13.51
C VAL A 22 -14.29 -10.22 -15.27
C VAL A 22 -14.35 -10.44 -15.12
C VAL A 22 -14.83 -10.07 -14.91
N GLY A 23 -13.15 -9.55 -15.37
N GLY A 23 -13.45 -9.50 -15.30
N GLY A 23 -13.82 -9.22 -15.09
CA GLY A 23 -12.46 -9.44 -16.65
CA GLY A 23 -12.71 -9.36 -16.54
CA GLY A 23 -13.07 -9.12 -16.32
C GLY A 23 -13.13 -8.53 -17.63
C GLY A 23 -13.33 -8.38 -17.51
C GLY A 23 -13.74 -8.26 -17.39
N ASP A 24 -13.85 -7.52 -17.16
N ASP A 24 -14.11 -7.42 -17.02
N ASP A 24 -14.28 -7.10 -17.01
CA ASP A 24 -14.50 -6.55 -18.05
CA ASP A 24 -14.73 -6.39 -17.87
CA ASP A 24 -14.93 -6.18 -17.97
C ASP A 24 -13.48 -5.48 -18.39
C ASP A 24 -13.68 -5.34 -18.17
C ASP A 24 -13.89 -5.13 -18.38
N ILE A 25 -12.64 -5.81 -19.37
N ILE A 25 -12.93 -5.59 -19.24
N ILE A 25 -13.14 -5.45 -19.44
CA ILE A 25 -11.51 -4.97 -19.74
CA ILE A 25 -11.78 -4.77 -19.59
CA ILE A 25 -12.01 -4.61 -19.87
C ILE A 25 -11.96 -3.55 -20.05
C ILE A 25 -12.20 -3.37 -20.06
C ILE A 25 -12.48 -3.18 -20.12
N GLU A 26 -12.98 -3.40 -20.92
N GLU A 26 -13.36 -3.24 -20.71
N GLU A 26 -13.59 -3.01 -20.82
CA GLU A 26 -13.45 -2.07 -21.29
CA GLU A 26 -13.76 -1.92 -21.17
CA GLU A 26 -14.02 -1.66 -21.14
C GLU A 26 -13.85 -1.25 -20.07
C GLU A 26 -14.15 -1.02 -20.01
C GLU A 26 -14.36 -0.89 -19.87
N ALA A 27 -14.53 -1.86 -19.11
N ALA A 27 -14.84 -1.57 -19.00
N ALA A 27 -14.94 -1.56 -18.89
CA ALA A 27 -14.96 -1.12 -17.91
CA ALA A 27 -15.30 -0.81 -17.84
CA ALA A 27 -15.20 -0.90 -17.61
C ALA A 27 -13.77 -0.71 -17.05
C ALA A 27 -14.15 -0.45 -16.90
C ALA A 27 -13.88 -0.55 -16.90
N ILE A 28 -12.74 -1.54 -16.99
N ILE A 28 -13.12 -1.29 -16.82
N ILE A 28 -12.94 -1.50 -16.84
CA ILE A 28 -11.54 -1.20 -16.24
CA ILE A 28 -11.92 -0.94 -16.05
CA ILE A 28 -11.65 -1.25 -16.19
C ILE A 28 -10.90 0.04 -16.83
C ILE A 28 -11.28 0.29 -16.64
C ILE A 28 -10.98 -0.02 -16.79
N VAL A 29 -10.73 0.04 -18.15
N VAL A 29 -11.13 0.31 -17.97
N VAL A 29 -10.81 -0.02 -18.12
CA VAL A 29 -10.10 1.16 -18.84
CA VAL A 29 -10.38 1.41 -18.62
CA VAL A 29 -10.05 1.04 -18.77
C VAL A 29 -10.78 2.46 -18.48
C VAL A 29 -11.14 2.72 -18.46
C VAL A 29 -10.74 2.38 -18.59
N GLN A 30 -12.11 2.47 -18.53
N GLN A 30 -12.47 2.65 -18.34
N GLN A 30 -12.08 2.39 -18.53
N GLN A 30 -12.30 2.72 -18.41
CA GLN A 30 -12.85 3.70 -18.26
CA GLN A 30 -13.29 3.83 -18.12
CA GLN A 30 -12.81 3.63 -18.32
CA GLN A 30 -12.98 3.98 -18.17
C GLN A 30 -12.64 4.25 -16.85
C GLN A 30 -13.01 4.46 -16.76
C GLN A 30 -12.59 4.21 -16.92
C GLN A 30 -13.04 4.32 -16.70
N MET A 31 -12.12 3.44 -15.91
N MET A 31 -12.59 3.66 -15.76
N MET A 31 -12.28 3.37 -15.91
CA MET A 31 -11.80 3.95 -14.57
CA MET A 31 -12.25 4.23 -14.45
CA MET A 31 -12.09 3.91 -14.56
C MET A 31 -10.52 4.78 -14.59
C MET A 31 -10.98 5.07 -14.49
C MET A 31 -10.85 4.77 -14.47
N TYR A 32 -9.63 4.53 -15.56
N TYR A 32 -10.06 4.81 -15.42
N TYR A 32 -9.97 4.71 -15.47
CA TYR A 32 -8.41 5.30 -15.70
CA TYR A 32 -8.81 5.57 -15.50
CA TYR A 32 -8.73 5.47 -15.57
C TYR A 32 -8.65 6.62 -16.42
C TYR A 32 -9.08 6.88 -16.22
C TYR A 32 -8.98 6.79 -16.26
N ALA A 33 -7.99 7.68 -15.94
N ALA A 33 -8.44 7.94 -15.75
N ALA A 33 -8.15 7.76 -15.93
CA ALA A 33 -7.98 8.96 -16.65
CA ALA A 33 -8.49 9.18 -16.51
CA ALA A 33 -8.11 9.00 -16.69
C ALA A 33 -7.43 8.74 -18.07
C ALA A 33 -7.94 8.94 -17.92
C ALA A 33 -7.61 8.72 -18.10
N ASP A 34 -7.91 9.57 -19.02
N ASP A 34 -8.37 9.78 -18.87
N ASP A 34 -7.91 9.65 -19.03
CA ASP A 34 -7.48 9.37 -20.40
CA ASP A 34 -8.00 9.53 -20.27
CA ASP A 34 -7.58 9.41 -20.43
C ASP A 34 -5.96 9.47 -20.54
C ASP A 34 -6.49 9.47 -20.46
C ASP A 34 -6.08 9.21 -20.64
N ASP A 35 -5.32 10.29 -19.70
N ASP A 35 -5.72 10.16 -19.62
N ASP A 35 -5.29 9.92 -19.84
CA ASP A 35 -3.87 10.40 -19.63
CA ASP A 35 -4.27 10.30 -19.79
CA ASP A 35 -3.83 10.05 -19.92
C ASP A 35 -3.30 9.74 -18.39
C ASP A 35 -3.48 9.73 -18.60
C ASP A 35 -3.10 9.42 -18.73
N ALA A 36 -4.01 8.76 -17.82
N ALA A 36 -3.97 8.62 -18.03
N ALA A 36 -3.75 8.45 -18.09
CA ALA A 36 -3.52 8.08 -16.63
CA ALA A 36 -3.40 8.05 -16.81
CA ALA A 36 -3.28 7.90 -16.82
C ALA A 36 -2.24 7.28 -16.93
C ALA A 36 -2.04 7.40 -17.04
C ALA A 36 -1.93 7.24 -16.99
N THR A 37 -1.50 6.93 -15.86
N THR A 37 -1.30 7.22 -15.93
N THR A 37 -1.18 7.28 -15.89
CA THR A 37 -0.30 6.09 -15.94
CA THR A 37 -0.01 6.55 -15.92
CA THR A 37 0.06 6.56 -15.75
C THR A 37 -0.45 4.85 -15.06
C THR A 37 -0.02 5.43 -14.90
C THR A 37 -0.15 5.33 -14.88
N VAL A 38 0.09 3.73 -15.54
N VAL A 38 0.18 4.20 -15.37
N VAL A 38 0.52 4.27 -15.25
CA VAL A 38 0.15 2.49 -14.80
CA VAL A 38 0.24 2.98 -14.58
CA VAL A 38 0.43 2.97 -14.57
C VAL A 38 1.60 2.07 -14.66
C VAL A 38 1.71 2.53 -14.51
C VAL A 38 1.82 2.36 -14.48
N GLU A 39 2.08 2.04 -13.41
N GLU A 39 2.20 2.23 -13.28
N GLU A 39 2.10 1.72 -13.35
CA GLU A 39 3.34 1.40 -13.05
CA GLU A 39 3.49 1.58 -13.07
CA GLU A 39 3.39 1.11 -13.07
C GLU A 39 2.98 0.06 -12.46
C GLU A 39 3.22 0.21 -12.46
C GLU A 39 3.07 -0.28 -12.52
N ASN A 40 3.24 -1.00 -13.22
N ASN A 40 3.30 -0.83 -13.29
N ASN A 40 3.24 -1.32 -13.32
CA ASN A 40 2.76 -2.34 -12.90
CA ASN A 40 2.82 -2.15 -12.90
CA ASN A 40 2.76 -2.65 -12.94
C ASN A 40 3.75 -3.31 -13.55
C ASN A 40 3.61 -3.25 -13.59
C ASN A 40 3.64 -3.74 -13.53
N PRO A 41 4.74 -3.83 -12.81
N PRO A 41 4.47 -3.99 -12.87
N PRO A 41 4.61 -4.26 -12.74
CA PRO A 41 4.98 -3.55 -11.37
CA PRO A 41 4.79 -3.82 -11.43
CA PRO A 41 4.91 -3.97 -11.33
C PRO A 41 5.67 -2.21 -11.15
C PRO A 41 5.62 -2.57 -11.17
C PRO A 41 5.65 -2.66 -11.15
N PHE A 42 5.52 -1.66 -9.95
N PHE A 42 5.44 -1.95 -9.98
N PHE A 42 5.47 -2.03 -9.99
N PHE A 42 5.51 -2.18 -10.01
CA PHE A 42 6.28 -0.48 -9.54
CA PHE A 42 6.34 -0.89 -9.57
CA PHE A 42 6.28 -0.89 -9.63
CA PHE A 42 6.25 -0.99 -9.62
C PHE A 42 7.76 -0.80 -9.61
C PHE A 42 7.77 -1.38 -9.72
C PHE A 42 7.76 -1.23 -9.76
C PHE A 42 7.75 -1.23 -9.73
N GLY A 43 8.53 0.11 -10.17
N GLY A 43 8.57 -0.56 -10.38
N GLY A 43 8.53 -0.30 -10.32
CA GLY A 43 9.92 -0.11 -10.53
CA GLY A 43 9.92 -0.92 -10.77
CA GLY A 43 9.91 -0.53 -10.74
C GLY A 43 10.16 -0.24 -12.01
C GLY A 43 10.11 -1.13 -12.26
C GLY A 43 10.08 -0.61 -12.24
N GLN A 44 9.10 -0.52 -12.81
N GLN A 44 9.03 -1.28 -13.01
N GLN A 44 9.03 -0.97 -12.97
CA GLN A 44 9.24 -0.61 -14.24
CA GLN A 44 9.08 -1.31 -14.46
CA GLN A 44 8.99 -0.96 -14.42
C GLN A 44 8.76 0.66 -14.91
C GLN A 44 8.59 0.02 -15.02
C GLN A 44 8.55 0.41 -14.93
N PRO A 45 9.20 0.89 -16.15
N PRO A 45 8.93 0.37 -16.27
N PRO A 45 8.78 0.70 -16.22
CA PRO A 45 8.71 1.98 -16.92
CA PRO A 45 8.61 1.72 -16.73
CA PRO A 45 8.51 2.06 -16.70
C PRO A 45 7.19 1.97 -16.96
C PRO A 45 7.12 1.91 -16.86
C PRO A 45 7.02 2.33 -16.78
N PRO A 46 6.58 3.13 -16.88
N PRO A 46 6.63 3.14 -16.65
N PRO A 46 6.59 3.57 -16.57
CA PRO A 46 5.11 3.20 -16.89
CA PRO A 46 5.18 3.38 -16.79
CA PRO A 46 5.15 3.86 -16.62
C PRO A 46 4.48 2.92 -18.24
C PRO A 46 4.67 3.17 -18.21
C PRO A 46 4.59 3.84 -18.04
N ILE A 47 3.15 2.89 -18.17
N ILE A 47 3.47 2.55 -18.33
N ILE A 47 3.44 3.21 -18.19
CA ILE A 47 2.27 2.71 -19.32
CA ILE A 47 2.67 2.69 -19.54
CA ILE A 47 2.67 3.32 -19.42
C ILE A 47 1.37 3.93 -19.35
C ILE A 47 1.74 3.88 -19.35
C ILE A 47 1.69 4.48 -19.27
N HIS A 48 1.42 4.69 -20.46
N HIS A 48 1.28 4.43 -20.47
N HIS A 48 1.25 5.05 -20.40
N HIS A 48 0.99 4.73 -20.26
CA HIS A 48 0.75 5.97 -20.58
CA HIS A 48 0.64 5.73 -20.46
CA HIS A 48 0.51 6.32 -20.42
CA HIS A 48 0.28 5.99 -20.22
C HIS A 48 -0.53 5.86 -21.41
C HIS A 48 -0.55 5.76 -21.39
C HIS A 48 -0.71 6.25 -21.34
C HIS A 48 -0.70 6.08 -21.39
N GLY A 49 -1.63 6.35 -20.85
N GLY A 49 -1.66 6.21 -20.86
N GLY A 49 -1.89 6.58 -20.80
CA GLY A 49 -2.84 6.60 -21.62
CA GLY A 49 -2.82 6.53 -21.67
CA GLY A 49 -3.09 6.78 -21.60
C GLY A 49 -3.72 5.38 -21.80
C GLY A 49 -3.75 5.37 -21.82
C GLY A 49 -3.92 5.51 -21.76
N ARG A 50 -5.03 5.62 -22.01
N ARG A 50 -5.03 5.68 -22.03
N ARG A 50 -5.21 5.71 -22.11
CA ARG A 50 -5.98 4.51 -22.11
CA ARG A 50 -6.02 4.62 -22.11
CA ARG A 50 -6.17 4.60 -22.10
C ARG A 50 -5.63 3.52 -23.22
C ARG A 50 -5.73 3.58 -23.19
C ARG A 50 -5.86 3.52 -23.14
N GLU A 51 -5.20 4.00 -24.41
N GLU A 51 -5.06 3.94 -24.32
N GLU A 51 -5.48 3.89 -24.38
CA GLU A 51 -4.89 3.04 -25.46
CA GLU A 51 -4.79 2.92 -25.32
CA GLU A 51 -5.17 2.85 -25.37
C GLU A 51 -4.00 1.95 -24.90
C GLU A 51 -3.73 1.93 -24.84
C GLU A 51 -4.10 1.89 -24.85
N GLN A 52 -2.87 2.34 -24.30
N GLN A 52 -2.67 2.42 -24.19
N GLN A 52 -3.00 2.44 -24.31
CA GLN A 52 -1.91 1.35 -23.85
CA GLN A 52 -1.65 1.54 -23.65
CA GLN A 52 -1.90 1.62 -23.78
C GLN A 52 -2.42 0.58 -22.63
C GLN A 52 -2.19 0.76 -22.47
C GLN A 52 -2.42 0.84 -22.58
N ILE A 53 -3.23 1.22 -21.80
N ILE A 53 -3.03 1.39 -21.64
CA ILE A 53 -3.75 0.55 -20.62
CA ILE A 53 -3.63 0.67 -20.51
C ILE A 53 -4.78 -0.51 -21.02
C ILE A 53 -4.49 -0.46 -21.01
N ALA A 54 -5.63 -0.21 -22.02
N ALA A 54 -5.28 -0.20 -22.05
CA ALA A 54 -6.49 -1.26 -22.55
CA ALA A 54 -6.17 -1.22 -22.60
C ALA A 54 -5.69 -2.44 -23.06
C ALA A 54 -5.37 -2.37 -23.19
N ALA A 55 -4.61 -2.18 -23.82
N ALA A 55 -4.26 -2.07 -23.86
CA ALA A 55 -3.79 -3.27 -24.34
CA ALA A 55 -3.43 -3.14 -24.40
C ALA A 55 -3.20 -4.09 -23.20
C ALA A 55 -2.89 -4.01 -23.29
N PHE A 56 -2.83 -3.44 -22.10
N PHE A 56 -2.50 -3.38 -22.18
N PHE A 56 -2.62 -3.53 -22.28
CA PHE A 56 -2.26 -4.13 -20.93
CA PHE A 56 -2.00 -4.14 -21.02
CA PHE A 56 -2.03 -4.20 -21.12
C PHE A 56 -3.26 -5.08 -20.30
C PHE A 56 -3.08 -5.08 -20.49
C PHE A 56 -3.05 -5.13 -20.47
N PHE A 57 -4.51 -4.64 -20.11
N PHE A 57 -4.28 -4.55 -20.23
N PHE A 57 -4.27 -4.64 -20.23
CA PHE A 57 -5.50 -5.51 -19.49
CA PHE A 57 -5.33 -5.37 -19.62
CA PHE A 57 -5.26 -5.49 -19.57
C PHE A 57 -6.06 -6.54 -20.47
C PHE A 57 -5.84 -6.43 -20.57
C PHE A 57 -5.76 -6.59 -20.49
N ARG A 58 -5.94 -6.29 -21.78
N ARG A 58 -5.99 -6.10 -21.85
N ARG A 58 -5.88 -6.31 -21.78
CA ARG A 58 -6.28 -7.34 -22.75
CA ARG A 58 -6.40 -7.11 -22.82
CA ARG A 58 -6.35 -7.36 -22.68
C ARG A 58 -5.24 -8.46 -22.71
C ARG A 58 -5.47 -8.33 -22.74
C ARG A 58 -5.31 -8.46 -22.83
N GLN A 59 -3.96 -8.11 -22.74
N GLN A 59 -4.15 -8.08 -22.69
N GLN A 59 -4.02 -8.14 -22.70
N GLN A 59 -4.08 -8.16 -22.85
CA GLN A 59 -2.93 -9.15 -22.69
CA GLN A 59 -3.19 -9.18 -22.58
CA GLN A 59 -3.02 -9.21 -22.72
CA GLN A 59 -3.09 -9.22 -22.69
C GLN A 59 -2.92 -9.86 -21.35
C GLN A 59 -3.36 -9.96 -21.28
C GLN A 59 -2.96 -9.94 -21.39
C GLN A 59 -3.23 -9.86 -21.31
N GLY A 60 -3.16 -9.15 -20.25
N GLY A 60 -3.54 -9.25 -20.16
N GLY A 60 -3.33 -9.29 -20.29
CA GLY A 60 -3.10 -9.72 -18.92
CA GLY A 60 -3.43 -9.89 -18.85
CA GLY A 60 -3.29 -9.93 -18.98
C GLY A 60 -4.29 -10.59 -18.55
C GLY A 60 -4.71 -10.56 -18.38
C GLY A 60 -4.55 -10.72 -18.67
N LEU A 61 -5.50 -10.18 -18.95
N LEU A 61 -5.86 -10.07 -18.83
N LEU A 61 -5.70 -10.11 -18.90
CA LEU A 61 -6.71 -10.86 -18.49
CA LEU A 61 -7.15 -10.60 -18.43
CA LEU A 61 -6.99 -10.67 -18.51
C LEU A 61 -7.42 -11.67 -19.57
C LEU A 61 -7.97 -11.14 -19.59
C LEU A 61 -7.68 -11.47 -19.61
N GLY A 62 -7.17 -11.37 -20.84
N GLY A 62 -7.52 -10.96 -20.82
N GLY A 62 -7.18 -11.45 -20.84
CA GLY A 62 -7.99 -11.93 -21.91
CA GLY A 62 -8.34 -11.35 -21.96
CA GLY A 62 -7.92 -12.02 -21.95
C GLY A 62 -8.11 -13.45 -21.85
C GLY A 62 -8.43 -12.85 -22.17
C GLY A 62 -8.09 -13.52 -21.83
N GLY A 63 -7.10 -14.11 -21.29
N GLY A 63 -7.38 -13.58 -21.83
N GLY A 63 -7.13 -14.20 -21.21
CA GLY A 63 -7.12 -15.57 -21.24
CA GLY A 63 -7.36 -15.02 -22.02
CA GLY A 63 -7.19 -15.65 -21.12
C GLY A 63 -8.29 -16.12 -20.46
C GLY A 63 -7.98 -15.77 -20.87
C GLY A 63 -8.41 -16.16 -20.37
N GLY A 64 -8.81 -15.34 -19.50
N GLY A 64 -8.76 -15.08 -20.03
N GLY A 64 -8.90 -15.38 -19.39
CA GLY A 64 -10.03 -15.69 -18.80
CA GLY A 64 -9.43 -15.70 -18.90
CA GLY A 64 -10.18 -15.63 -18.76
C GLY A 64 -9.86 -16.51 -17.55
C GLY A 64 -8.44 -16.20 -17.86
C GLY A 64 -10.10 -16.19 -17.35
N LYS A 65 -8.64 -16.83 -17.14
N LYS A 65 -8.98 -16.99 -16.93
N LYS A 65 -9.03 -16.90 -17.02
CA LYS A 65 -8.49 -17.62 -15.93
CA LYS A 65 -8.15 -17.68 -15.94
CA LYS A 65 -8.92 -17.60 -15.75
C LYS A 65 -7.94 -16.78 -14.78
C LYS A 65 -7.40 -16.70 -15.05
C LYS A 65 -8.39 -16.72 -14.62
N VAL A 66 -8.57 -15.64 -14.48
N VAL A 66 -7.98 -15.52 -14.79
N VAL A 66 -8.35 -15.40 -14.80
CA VAL A 66 -8.08 -14.73 -13.44
CA VAL A 66 -7.52 -14.64 -13.73
CA VAL A 66 -7.77 -14.50 -13.81
C VAL A 66 -9.24 -14.34 -12.53
C VAL A 66 -8.74 -14.20 -12.93
C VAL A 66 -8.86 -14.00 -12.87
N ARG A 67 -9.07 -14.53 -11.22
N ARG A 67 -8.63 -14.28 -11.62
N ARG A 67 -8.73 -14.31 -11.60
CA ARG A 67 -10.01 -14.01 -10.23
CA ARG A 67 -9.63 -13.71 -10.73
CA ARG A 67 -9.66 -13.89 -10.57
C ARG A 67 -9.25 -13.07 -9.30
C ARG A 67 -8.85 -12.88 -9.70
C ARG A 67 -8.94 -12.93 -9.63
N ALA A 68 -9.97 -12.12 -8.71
N ALA A 68 -9.53 -11.93 -9.09
N ALA A 68 -9.72 -12.23 -8.80
CA ALA A 68 -9.36 -11.09 -7.88
CA ALA A 68 -8.90 -11.10 -8.08
CA ALA A 68 -9.12 -11.35 -7.79
C ALA A 68 -10.27 -10.75 -6.71
C ALA A 68 -9.89 -10.80 -6.95
C ALA A 68 -10.13 -11.02 -6.70
N CYS A 69 -9.72 -10.76 -5.49
N CYS A 69 -9.40 -10.70 -5.73
N CYS A 69 -9.62 -10.61 -5.53
N CYS A 69 -9.29 -11.01 -5.61
CA CYS A 69 -10.48 -10.38 -4.32
CA CYS A 69 -10.29 -10.29 -4.64
CA CYS A 69 -10.46 -10.25 -4.40
CA CYS A 69 -10.14 -10.71 -4.48
C CYS A 69 -9.62 -9.59 -3.37
C CYS A 69 -9.51 -9.62 -3.51
C CYS A 69 -9.66 -9.43 -3.41
C CYS A 69 -9.42 -9.82 -3.45
N LEU A 70 -10.24 -8.60 -2.74
N LEU A 70 -10.16 -8.64 -2.89
N LEU A 70 -10.31 -8.47 -2.77
CA LEU A 70 -9.56 -7.86 -1.68
CA LEU A 70 -9.62 -7.92 -1.75
CA LEU A 70 -9.65 -7.83 -1.65
C LEU A 70 -9.33 -8.77 -0.49
C LEU A 70 -9.46 -8.83 -0.54
C LEU A 70 -9.30 -8.88 -0.60
N THR A 71 -8.16 -8.64 0.11
N THR A 71 -8.27 -8.83 0.04
N THR A 71 -8.21 -8.59 0.10
CA THR A 71 -7.86 -9.40 1.32
CA THR A 71 -8.00 -9.56 1.27
CA THR A 71 -7.82 -9.42 1.23
C THR A 71 -8.15 -8.60 2.58
C THR A 71 -8.13 -8.68 2.50
C THR A 71 -7.80 -8.60 2.50
N GLY A 72 -8.30 -7.30 2.46
N GLY A 72 -8.71 -7.49 2.37
N GLY A 72 -8.35 -7.41 2.45
CA GLY A 72 -8.64 -6.41 3.56
CA GLY A 72 -8.90 -6.58 3.48
CA GLY A 72 -8.49 -6.55 3.58
C GLY A 72 -9.07 -5.06 3.03
C GLY A 72 -9.44 -5.24 3.03
C GLY A 72 -9.19 -5.33 3.09
N PRO A 73 -9.42 -4.11 3.90
N PRO A 73 -9.60 -4.32 3.95
N PRO A 73 -9.50 -4.39 3.96
CA PRO A 73 -10.09 -2.88 3.42
CA PRO A 73 -10.20 -3.04 3.60
CA PRO A 73 -10.20 -3.18 3.51
C PRO A 73 -9.20 -1.87 2.70
C PRO A 73 -9.29 -2.20 2.75
C PRO A 73 -9.29 -2.20 2.80
N VAL A 74 -9.84 -0.94 1.96
N VAL A 74 -9.92 -1.30 2.00
N VAL A 74 -9.90 -1.46 1.88
CA VAL A 74 -9.11 0.13 1.27
CA VAL A 74 -9.25 -0.23 1.28
CA VAL A 74 -9.22 -0.33 1.26
C VAL A 74 -8.70 1.18 2.30
C VAL A 74 -8.84 0.83 2.26
C VAL A 74 -8.86 0.71 2.32
N ARG A 75 -7.41 1.50 2.33
N ARG A 75 -7.54 1.09 2.36
N ARG A 75 -7.64 1.26 2.21
CA ARG A 75 -6.90 2.60 3.14
CA ARG A 75 -7.03 2.19 3.17
CA ARG A 75 -7.17 2.40 3.01
C ARG A 75 -6.91 3.86 2.31
C ARG A 75 -7.16 3.46 2.35
C ARG A 75 -7.28 3.66 2.15
N ALA A 76 -7.68 4.84 2.73
N ALA A 76 -7.90 4.44 2.86
N ALA A 76 -7.71 4.76 2.76
CA ALA A 76 -7.84 6.05 1.97
CA ALA A 76 -8.16 5.67 2.14
CA ALA A 76 -8.00 5.93 1.95
C ALA A 76 -7.26 7.25 2.70
C ALA A 76 -7.61 6.88 2.88
C ALA A 76 -7.66 7.21 2.68
N SER A 77 -6.70 8.14 1.94
N SER A 77 -7.20 7.90 2.12
N SER A 77 -7.00 8.13 1.97
CA SER A 77 -6.27 9.42 2.43
CA SER A 77 -6.76 9.23 2.56
CA SER A 77 -6.49 9.38 2.52
C SER A 77 -7.37 10.45 2.24
C SER A 77 -7.85 10.27 2.26
C SER A 77 -7.43 10.53 2.18
N HIS A 78 -7.10 11.65 2.76
N HIS A 78 -7.55 11.55 2.57
N HIS A 78 -7.03 11.74 2.62
CA HIS A 78 -7.95 12.80 2.48
CA HIS A 78 -8.47 12.66 2.32
CA HIS A 78 -7.78 12.96 2.38
C HIS A 78 -7.50 13.62 1.28
C HIS A 78 -8.06 13.56 1.17
C HIS A 78 -7.17 13.81 1.28
N ASN A 79 -6.45 13.23 0.57
N ASN A 79 -7.02 13.18 0.42
N ASN A 79 -6.33 13.22 0.44
CA ASN A 79 -6.00 13.92 -0.64
CA ASN A 79 -6.59 13.90 -0.76
CA ASN A 79 -5.76 13.92 -0.69
C ASN A 79 -6.12 13.05 -1.89
C ASN A 79 -6.76 13.06 -2.02
C ASN A 79 -6.01 13.13 -1.97
N GLY A 80 -7.22 12.30 -1.99
N GLY A 80 -7.79 12.21 -2.03
CA GLY A 80 -7.55 11.67 -3.24
CA GLY A 80 -8.10 11.44 -3.22
C GLY A 80 -6.90 10.34 -3.54
C GLY A 80 -7.06 10.37 -3.54
N CYS A 81 -6.12 9.79 -2.59
N CYS A 81 -6.58 9.67 -2.51
CA CYS A 81 -5.27 8.63 -2.80
CA CYS A 81 -5.70 8.55 -2.71
C CYS A 81 -5.71 7.49 -1.91
C CYS A 81 -6.15 7.38 -1.85
N GLY A 82 -5.26 6.32 -2.25
N GLY A 82 -5.72 6.20 -2.24
CA GLY A 82 -5.57 5.16 -1.44
CA GLY A 82 -5.97 4.99 -1.49
C GLY A 82 -4.66 4.01 -1.77
C GLY A 82 -5.00 3.89 -1.83
N ALA A 83 -4.72 2.98 -0.94
N ALA A 83 -5.00 2.88 -0.98
CA ALA A 83 -3.95 1.76 -1.17
CA ALA A 83 -4.13 1.71 -1.12
C ALA A 83 -4.74 0.55 -0.68
C ALA A 83 -4.96 0.51 -0.76
N MET A 84 -4.65 -0.56 -1.42
N MET A 84 -4.72 -0.62 -1.42
N MET A 84 -4.81 -0.60 -1.43
CA MET A 84 -5.49 -1.73 -1.17
CA MET A 84 -5.51 -1.79 -1.07
CA MET A 84 -5.55 -1.80 -1.13
C MET A 84 -4.75 -3.06 -1.37
C MET A 84 -4.80 -3.13 -1.31
C MET A 84 -4.73 -3.03 -1.29
N PRO A 85 -4.91 -4.03 -0.45
N PRO A 85 -4.98 -4.09 -0.42
N PRO A 85 -5.02 -4.04 -0.46
CA PRO A 85 -4.27 -5.34 -0.64
CA PRO A 85 -4.39 -5.41 -0.60
CA PRO A 85 -4.38 -5.35 -0.58
C PRO A 85 -5.24 -6.31 -1.28
C PRO A 85 -5.39 -6.32 -1.27
C PRO A 85 -5.31 -6.34 -1.22
N PHE A 86 -4.76 -7.04 -2.28
N PHE A 86 -4.88 -7.16 -2.16
N PHE A 86 -4.79 -7.06 -2.20
CA PHE A 86 -5.61 -8.00 -2.96
CA PHE A 86 -5.73 -8.13 -2.82
CA PHE A 86 -5.62 -8.05 -2.90
C PHE A 86 -4.76 -9.17 -3.46
C PHE A 86 -4.87 -9.29 -3.32
C PHE A 86 -4.77 -9.26 -3.29
N ARG A 87 -5.44 -10.29 -3.64
N ARG A 87 -5.55 -10.30 -3.83
N ARG A 87 -5.47 -10.32 -3.65
CA ARG A 87 -4.82 -11.50 -4.16
CA ARG A 87 -4.94 -11.51 -4.31
CA ARG A 87 -4.83 -11.51 -4.15
C ARG A 87 -5.53 -11.87 -5.46
C ARG A 87 -5.44 -11.76 -5.73
C ARG A 87 -5.49 -11.90 -5.47
N VAL A 88 -4.72 -12.26 -6.43
N VAL A 88 -4.52 -12.15 -6.60
N VAL A 88 -4.66 -12.12 -6.46
CA VAL A 88 -5.21 -12.66 -7.74
CA VAL A 88 -4.79 -12.46 -8.00
CA VAL A 88 -5.10 -12.62 -7.75
C VAL A 88 -5.03 -14.18 -7.84
C VAL A 88 -4.55 -13.95 -8.17
C VAL A 88 -4.83 -14.13 -7.77
N GLU A 89 -6.07 -14.84 -8.36
N GLU A 89 -5.56 -14.69 -8.60
N GLU A 89 -5.83 -14.87 -8.21
CA GLU A 89 -6.02 -16.26 -8.67
CA GLU A 89 -5.44 -16.13 -8.78
CA GLU A 89 -5.73 -16.31 -8.40
C GLU A 89 -5.75 -16.44 -10.15
C GLU A 89 -5.35 -16.41 -10.28
C GLU A 89 -5.76 -16.59 -9.90
N MET A 90 -4.85 -17.36 -10.49
N MET A 90 -4.35 -17.21 -10.66
N MET A 90 -4.68 -17.24 -10.37
CA MET A 90 -4.69 -17.76 -11.87
CA MET A 90 -4.00 -17.41 -12.05
CA MET A 90 -4.36 -17.48 -11.77
C MET A 90 -4.19 -19.21 -11.89
C MET A 90 -3.71 -18.89 -12.26
C MET A 90 -4.05 -18.98 -11.96
N VAL A 91 -3.63 -19.60 -13.02
N VAL A 91 -3.40 -19.27 -13.49
N VAL A 91 -3.54 -19.33 -13.12
CA VAL A 91 -3.18 -20.96 -13.29
CA VAL A 91 -3.05 -20.64 -13.85
CA VAL A 91 -3.17 -20.72 -13.43
C VAL A 91 -1.77 -20.87 -13.84
C VAL A 91 -1.62 -20.67 -14.34
C VAL A 91 -1.81 -20.78 -14.10
N TRP A 92 -0.88 -21.72 -13.32
N TRP A 92 -0.83 -21.60 -13.78
CA TRP A 92 0.44 -21.95 -13.90
CA TRP A 92 0.58 -21.75 -14.07
C TRP A 92 0.64 -23.46 -13.95
C TRP A 92 0.82 -23.23 -14.29
N ASN A 93 1.02 -23.98 -15.12
N ASN A 93 1.26 -23.62 -15.50
CA ASN A 93 1.22 -25.41 -15.31
CA ASN A 93 1.50 -25.03 -15.82
C ASN A 93 -0.02 -26.21 -14.90
C ASN A 93 0.25 -25.87 -15.55
N GLY A 94 -1.20 -25.72 -15.29
N GLY A 94 -0.92 -25.30 -15.83
CA GLY A 94 -2.44 -26.38 -14.97
CA GLY A 94 -2.19 -26.00 -15.64
C GLY A 94 -2.71 -26.53 -13.49
C GLY A 94 -2.65 -26.19 -14.21
N GLN A 95 -2.07 -25.71 -12.65
N GLN A 95 -1.99 -25.56 -13.24
CA GLN A 95 -2.21 -25.77 -11.22
CA GLN A 95 -2.37 -25.68 -11.85
C GLN A 95 -2.52 -24.37 -10.70
C GLN A 95 -2.61 -24.28 -11.29
N PRO A 96 -3.37 -24.26 -9.68
N PRO A 96 -3.32 -24.16 -10.16
CA PRO A 96 -3.68 -22.93 -9.15
CA PRO A 96 -3.49 -22.83 -9.56
C PRO A 96 -2.44 -22.27 -8.57
C PRO A 96 -2.19 -22.19 -9.10
N CYS A 97 -2.31 -20.97 -8.84
N CYS A 97 -2.08 -20.87 -9.35
CA CYS A 97 -1.32 -20.15 -8.17
CA CYS A 97 -1.00 -20.02 -8.85
C CYS A 97 -2.01 -18.88 -7.75
C CYS A 97 -1.62 -18.70 -8.42
N ALA A 98 -1.39 -18.18 -6.80
N ALA A 98 -1.07 -18.10 -7.38
CA ALA A 98 -1.85 -16.92 -6.25
CA ALA A 98 -1.58 -16.84 -6.83
C ALA A 98 -0.73 -15.91 -6.24
C ALA A 98 -0.48 -15.80 -6.78
N LEU A 99 -1.13 -14.66 -6.43
N LEU A 99 -0.89 -14.53 -6.86
CA LEU A 99 -0.26 -13.50 -6.43
CA LEU A 99 0.02 -13.38 -6.71
C LEU A 99 -0.83 -12.45 -5.50
C LEU A 99 -0.60 -12.37 -5.75
N ASP A 100 0.00 -11.96 -4.59
N ASP A 100 0.14 -12.03 -4.69
N ASP A 100 -0.10 -12.17 -4.51
CA ASP A 100 -0.38 -10.97 -3.59
CA ASP A 100 -0.26 -10.97 -3.75
CA ASP A 100 -0.53 -11.13 -3.57
C ASP A 100 0.18 -9.61 -3.99
C ASP A 100 0.20 -9.60 -4.26
C ASP A 100 -0.02 -9.78 -4.03
N VAL A 101 -0.71 -8.62 -4.09
N VAL A 101 -0.68 -8.60 -4.15
N VAL A 101 -0.93 -8.80 -4.00
CA VAL A 101 -0.38 -7.33 -4.66
CA VAL A 101 -0.48 -7.28 -4.73
CA VAL A 101 -0.71 -7.50 -4.62
C VAL A 101 -1.00 -6.23 -3.79
C VAL A 101 -0.97 -6.21 -3.77
C VAL A 101 -1.23 -6.43 -3.69
N ILE A 102 -0.34 -5.06 -3.74
N ILE A 102 -0.36 -5.02 -3.85
N ILE A 102 -0.56 -5.27 -3.72
CA ILE A 102 -0.93 -3.85 -3.19
CA ILE A 102 -0.90 -3.81 -3.25
CA ILE A 102 -1.12 -4.04 -3.16
C ILE A 102 -0.94 -2.84 -4.32
C ILE A 102 -0.92 -2.74 -4.32
C ILE A 102 -1.09 -2.99 -4.26
N ASP A 103 -2.11 -2.31 -4.64
N ASP A 103 -2.10 -2.22 -4.64
N ASP A 103 -2.22 -2.30 -4.44
CA ASP A 103 -2.17 -1.19 -5.55
CA ASP A 103 -2.21 -1.07 -5.53
CA ASP A 103 -2.39 -1.26 -5.44
C ASP A 103 -2.25 0.11 -4.76
C ASP A 103 -2.35 0.19 -4.70
C ASP A 103 -2.55 0.08 -4.73
N VAL A 104 -1.58 1.14 -5.27
N VAL A 104 -1.52 1.21 -5.00
N VAL A 104 -1.80 1.08 -5.18
CA VAL A 104 -1.60 2.47 -4.71
CA VAL A 104 -1.72 2.58 -4.58
CA VAL A 104 -1.85 2.46 -4.67
C VAL A 104 -2.03 3.41 -5.83
C VAL A 104 -2.32 3.30 -5.78
C VAL A 104 -2.34 3.39 -5.78
N MET A 105 -3.07 4.19 -5.59
N MET A 105 -3.23 4.22 -5.52
N MET A 105 -3.47 4.08 -5.54
CA MET A 105 -3.71 4.97 -6.63
CA MET A 105 -3.92 4.94 -6.58
CA MET A 105 -4.10 4.91 -6.56
C MET A 105 -3.85 6.42 -6.19
C MET A 105 -4.13 6.37 -6.12
C MET A 105 -4.26 6.35 -6.12
N ARG A 106 -3.71 7.31 -7.15
N ARG A 106 -4.09 7.27 -7.10
N ARG A 106 -3.89 7.27 -6.99
N ARG A 106 -4.24 7.25 -7.02
CA ARG A 106 -4.06 8.71 -7.00
CA ARG A 106 -4.50 8.65 -6.92
CA ARG A 106 -4.32 8.66 -6.87
CA ARG A 106 -4.47 8.70 -6.88
C ARG A 106 -5.11 9.05 -8.04
C ARG A 106 -5.64 8.91 -7.90
C ARG A 106 -5.41 8.91 -7.91
C ARG A 106 -5.53 9.10 -7.87
N PHE A 107 -6.20 9.66 -7.59
N PHE A 107 -6.71 9.51 -7.39
N PHE A 107 -6.50 9.54 -7.48
CA PHE A 107 -7.33 10.07 -8.43
CA PHE A 107 -7.86 9.90 -8.20
CA PHE A 107 -7.61 9.92 -8.35
C PHE A 107 -7.21 11.54 -8.81
C PHE A 107 -7.84 11.40 -8.50
C PHE A 107 -7.52 11.39 -8.74
N ASP A 108 -7.78 11.88 -9.96
N ASP A 108 -8.39 11.74 -9.65
N ASP A 108 -8.15 11.71 -9.88
CA ASP A 108 -7.87 13.27 -10.39
CA ASP A 108 -8.50 13.13 -10.06
CA ASP A 108 -8.22 13.07 -10.38
C ASP A 108 -9.20 13.85 -9.92
C ASP A 108 -9.81 13.73 -9.59
C ASP A 108 -9.44 13.76 -9.79
N GLU A 109 -9.47 15.09 -10.31
N GLU A 109 -9.85 15.05 -9.77
N GLU A 109 -9.77 14.91 -10.38
N GLU A 109 -10.18 14.80 -10.22
CA GLU A 109 -10.65 15.82 -9.83
CA GLU A 109 -11.02 15.88 -9.54
CA GLU A 109 -10.83 15.78 -9.92
CA GLU A 109 -11.11 15.77 -9.69
C GLU A 109 -11.99 15.30 -10.37
C GLU A 109 -12.23 15.40 -10.32
C GLU A 109 -12.19 15.43 -10.52
C GLU A 109 -12.49 15.51 -10.26
N HIS A 110 -12.02 14.32 -11.27
N HIS A 110 -12.03 14.57 -11.34
N HIS A 110 -12.39 14.15 -10.91
CA HIS A 110 -13.27 13.70 -11.72
CA HIS A 110 -13.14 13.95 -12.05
CA HIS A 110 -13.67 13.69 -11.41
C HIS A 110 -13.48 12.31 -11.16
C HIS A 110 -13.41 12.54 -11.58
C HIS A 110 -13.93 12.22 -11.12
N GLY A 111 -12.68 11.88 -10.19
N GLY A 111 -12.71 12.10 -10.52
N GLY A 111 -13.22 11.61 -10.17
CA GLY A 111 -12.79 10.53 -9.67
CA GLY A 111 -12.99 10.79 -9.95
CA GLY A 111 -13.48 10.23 -9.79
C GLY A 111 -12.24 9.47 -10.60
C GLY A 111 -12.49 9.61 -10.74
C GLY A 111 -12.78 9.19 -10.64
N ARG A 112 -11.36 9.86 -11.54
N ARG A 112 -11.50 9.79 -11.61
N ARG A 112 -11.79 9.60 -11.43
CA ARG A 112 -10.67 8.92 -12.41
CA ARG A 112 -10.92 8.68 -12.36
CA ARG A 112 -11.04 8.67 -12.25
C ARG A 112 -9.25 8.67 -11.90
C ARG A 112 -9.48 8.48 -11.90
C ARG A 112 -9.61 8.57 -11.72
N ILE A 113 -8.72 7.49 -12.21
N ILE A 113 -8.98 7.25 -11.99
N ILE A 113 -8.91 7.53 -12.15
CA ILE A 113 -7.44 7.05 -11.70
CA ILE A 113 -7.60 7.01 -11.58
CA ILE A 113 -7.59 7.17 -11.63
C ILE A 113 -6.35 7.76 -12.48
C ILE A 113 -6.69 7.88 -12.42
C ILE A 113 -6.52 7.78 -12.52
N GLN A 114 -5.64 8.69 -11.82
N GLN A 114 -5.93 8.76 -11.76
N GLN A 114 -5.65 8.63 -11.94
CA GLN A 114 -4.63 9.48 -12.47
CA GLN A 114 -4.93 9.56 -12.44
CA GLN A 114 -4.60 9.34 -12.64
C GLN A 114 -3.30 8.74 -12.53
C GLN A 114 -3.59 8.84 -12.55
C GLN A 114 -3.29 8.58 -12.66
N THR A 115 -3.02 7.96 -11.48
N THR A 115 -2.98 8.49 -11.42
N THR A 115 -2.87 8.09 -11.51
CA THR A 115 -1.84 7.11 -11.39
CA THR A 115 -1.76 7.70 -11.46
CA THR A 115 -1.58 7.45 -11.35
C THR A 115 -2.19 5.86 -10.59
C THR A 115 -1.89 6.56 -10.47
C THR A 115 -1.77 6.24 -10.46
N MET A 116 -1.68 4.72 -11.04
N MET A 116 -1.09 5.52 -10.67
N MET A 116 -1.23 5.11 -10.84
CA MET A 116 -1.75 3.47 -10.29
CA MET A 116 -1.12 4.44 -9.71
CA MET A 116 -1.24 3.97 -9.93
C MET A 116 -0.37 2.86 -10.24
C MET A 116 0.08 3.53 -9.88
C MET A 116 0.05 3.19 -10.01
N GLN A 117 0.01 2.38 -9.06
N GLN A 117 0.36 2.78 -8.80
N GLN A 117 0.35 2.57 -8.88
CA GLN A 117 1.29 1.74 -8.84
CA GLN A 117 1.50 1.89 -8.67
CA GLN A 117 1.46 1.64 -8.71
C GLN A 117 1.02 0.41 -8.16
C GLN A 117 1.03 0.57 -8.11
C GLN A 117 0.92 0.31 -8.21
N ALA A 118 1.23 -0.69 -8.88
N ALA A 118 1.51 -0.54 -8.69
N ALA A 118 1.46 -0.78 -8.74
CA ALA A 118 1.05 -2.02 -8.33
CA ALA A 118 1.20 -1.89 -8.25
CA ALA A 118 1.10 -2.13 -8.34
C ALA A 118 2.36 -2.51 -7.72
C ALA A 118 2.44 -2.55 -7.66
C ALA A 118 2.38 -2.75 -7.77
N TYR A 119 2.31 -2.90 -6.45
N TYR A 119 2.35 -2.97 -6.39
N TYR A 119 2.52 -2.73 -6.44
N TYR A 119 2.38 -2.87 -6.39
CA TYR A 119 3.49 -3.39 -5.72
CA TYR A 119 3.46 -3.60 -5.69
CA TYR A 119 3.66 -3.35 -5.77
CA TYR A 119 3.48 -3.51 -5.68
C TYR A 119 3.42 -4.91 -5.64
C TYR A 119 3.28 -5.10 -5.65
C TYR A 119 3.44 -4.86 -5.73
C TYR A 119 3.29 -5.02 -5.63
N TRP A 120 4.40 -5.57 -6.29
N TRP A 120 4.20 -5.81 -6.30
N TRP A 120 4.24 -5.60 -6.50
CA TRP A 120 4.54 -7.02 -6.32
CA TRP A 120 4.33 -7.26 -6.22
CA TRP A 120 4.27 -7.06 -6.45
C TRP A 120 5.84 -7.34 -7.05
C TRP A 120 5.65 -7.65 -6.88
C TRP A 120 5.55 -7.51 -7.14
N SER A 121 6.44 -8.47 -6.73
N SER A 121 6.10 -8.86 -6.58
N SER A 121 5.99 -8.71 -6.79
CA SER A 121 7.47 -9.06 -7.56
CA SER A 121 7.19 -9.48 -7.34
CA SER A 121 7.09 -9.36 -7.51
C SER A 121 7.29 -10.57 -7.48
C SER A 121 7.01 -10.98 -7.26
C SER A 121 7.00 -10.87 -7.31
N GLU A 122 8.28 -11.30 -8.00
N GLU A 122 8.05 -11.71 -7.65
N GLU A 122 7.95 -11.58 -7.90
CA GLU A 122 8.16 -12.76 -7.98
CA GLU A 122 7.98 -13.16 -7.65
CA GLU A 122 7.96 -13.04 -7.82
C GLU A 122 8.10 -13.34 -6.57
C GLU A 122 7.95 -13.74 -6.25
C GLU A 122 7.94 -13.59 -6.40
N VAL A 123 8.58 -12.63 -5.54
N VAL A 123 8.41 -12.99 -5.25
CA VAL A 123 8.50 -13.17 -4.19
CA VAL A 123 8.30 -13.45 -3.88
C VAL A 123 7.08 -13.24 -3.66
C VAL A 123 6.84 -13.53 -3.47
N ASN A 124 6.12 -12.69 -4.41
N ASN A 124 5.98 -12.79 -4.13
CA ASN A 124 4.70 -12.69 -4.06
CA ASN A 124 4.58 -12.72 -3.80
C ASN A 124 3.86 -13.66 -4.88
C ASN A 124 3.76 -13.80 -4.50
N LEU A 125 4.49 -14.52 -5.70
N LEU A 125 4.44 -14.72 -5.20
CA LEU A 125 3.79 -15.64 -6.32
CA LEU A 125 3.79 -15.85 -5.84
C LEU A 125 3.86 -16.91 -5.46
C LEU A 125 3.73 -16.99 -4.84
N SER A 126 2.75 -17.66 -5.40
N SER A 126 2.62 -17.72 -4.83
CA SER A 126 2.72 -18.88 -4.58
CA SER A 126 2.49 -18.90 -3.97
C SER A 126 1.83 -19.92 -5.24
C SER A 126 1.60 -19.94 -4.60
N VAL A 127 1.99 -21.17 -4.81
N VAL A 127 1.80 -21.18 -4.18
CA VAL A 127 1.19 -22.28 -5.33
CA VAL A 127 0.93 -22.28 -4.56
C VAL A 127 0.68 -23.17 -4.19
C VAL A 127 0.51 -23.01 -3.28
N MET B 1 27.48 -1.03 -1.85
N MET B 1 24.12 -4.53 4.90
N MET B 1 24.05 -4.15 4.65
CA MET B 1 26.34 -1.92 -1.51
CA MET B 1 24.24 -4.81 3.44
CA MET B 1 23.58 -4.40 3.25
C MET B 1 25.21 -1.65 -2.49
C MET B 1 23.80 -3.57 2.66
C MET B 1 23.55 -3.09 2.45
N ASN B 2 24.37 -2.65 -2.71
N ASN B 2 23.48 -3.73 1.38
N ASN B 2 23.41 -3.20 1.13
CA ASN B 2 23.17 -2.47 -3.50
CA ASN B 2 23.22 -2.58 0.52
CA ASN B 2 23.22 -2.04 0.26
C ASN B 2 21.95 -2.40 -2.59
C ASN B 2 21.75 -2.50 0.12
C ASN B 2 21.72 -1.90 -0.01
N LEU B 3 20.84 -1.96 -3.20
N LEU B 3 21.45 -2.08 -1.11
N LEU B 3 21.32 -1.57 -1.23
CA LEU B 3 19.60 -1.80 -2.48
CA LEU B 3 20.06 -1.89 -1.53
CA LEU B 3 19.89 -1.55 -1.52
C LEU B 3 19.16 -3.13 -1.91
C LEU B 3 19.30 -3.21 -1.45
C LEU B 3 19.35 -2.98 -1.41
N PRO B 4 18.33 -3.11 -0.87
N PRO B 4 18.28 -3.33 -0.61
N PRO B 4 18.30 -3.22 -0.63
CA PRO B 4 17.75 -4.39 -0.46
CA PRO B 4 17.76 -4.66 -0.26
CA PRO B 4 17.89 -4.61 -0.41
C PRO B 4 17.04 -5.02 -1.64
C PRO B 4 17.12 -5.40 -1.43
C PRO B 4 17.15 -5.23 -1.59
N THR B 5 17.31 -6.30 -1.85
N THR B 5 17.36 -6.71 -1.48
N THR B 5 17.31 -6.56 -1.72
CA THR B 5 16.55 -7.07 -2.83
CA THR B 5 16.64 -7.54 -2.44
CA THR B 5 16.53 -7.30 -2.71
C THR B 5 15.10 -7.20 -2.38
C THR B 5 15.18 -7.66 -2.03
C THR B 5 15.08 -7.43 -2.24
N ALA B 6 14.25 -7.69 -3.28
N ALA B 6 14.34 -8.09 -2.97
N ALA B 6 14.28 -8.12 -3.06
CA ALA B 6 12.86 -7.93 -2.91
CA ALA B 6 12.93 -8.25 -2.65
CA ALA B 6 12.88 -8.32 -2.71
C ALA B 6 12.76 -8.80 -1.66
C ALA B 6 12.73 -9.13 -1.42
C ALA B 6 12.75 -9.14 -1.42
N GLN B 7 13.55 -9.88 -1.59
N GLN B 7 13.59 -10.11 -1.20
N GLN B 7 13.39 -10.30 -1.38
CA GLN B 7 13.51 -10.75 -0.43
CA GLN B 7 13.50 -10.89 0.03
CA GLN B 7 13.34 -11.15 -0.20
C GLN B 7 13.93 -10.02 0.83
C GLN B 7 14.04 -10.10 1.22
C GLN B 7 13.76 -10.40 1.06
N GLU B 8 14.97 -9.21 0.74
N GLU B 8 15.03 -9.24 0.98
N GLU B 8 14.82 -9.60 0.95
CA GLU B 8 15.45 -8.51 1.92
CA GLU B 8 15.50 -8.36 2.05
CA GLU B 8 15.29 -8.84 2.11
C GLU B 8 14.42 -7.51 2.42
C GLU B 8 14.46 -7.30 2.39
C GLU B 8 14.31 -7.76 2.51
N VAL B 9 13.82 -6.74 1.50
N VAL B 9 13.71 -6.80 1.40
N VAL B 9 13.59 -7.16 1.54
CA VAL B 9 12.75 -5.80 1.86
CA VAL B 9 12.62 -5.88 1.70
CA VAL B 9 12.54 -6.20 1.88
C VAL B 9 11.68 -6.49 2.71
C VAL B 9 11.56 -6.57 2.56
C VAL B 9 11.47 -6.86 2.73
N GLN B 10 11.31 -7.72 2.31
N GLN B 10 11.15 -7.77 2.15
N GLN B 10 11.06 -8.09 2.39
CA GLN B 10 10.23 -8.42 3.00
CA GLN B 10 10.20 -8.53 2.97
CA GLN B 10 10.03 -8.72 3.19
C GLN B 10 10.58 -8.69 4.47
C GLN B 10 10.73 -8.69 4.38
C GLN B 10 10.50 -8.91 4.63
N GLY B 11 11.74 -9.32 4.71
N GLY B 11 12.02 -8.97 4.51
N GLY B 11 11.80 -9.21 4.82
CA GLY B 11 12.15 -9.58 6.08
CA GLY B 11 12.60 -9.23 5.82
CA GLY B 11 12.32 -9.35 6.16
C GLY B 11 12.30 -8.32 6.89
C GLY B 11 12.61 -7.99 6.71
C GLY B 11 12.43 -8.04 6.92
N LEU B 12 12.83 -7.25 6.28
N LEU B 12 12.99 -6.84 6.14
N LEU B 12 12.92 -6.99 6.24
CA LEU B 12 13.01 -6.00 6.99
CA LEU B 12 13.08 -5.61 6.91
CA LEU B 12 13.05 -5.69 6.89
C LEU B 12 11.67 -5.41 7.40
C LEU B 12 11.71 -5.11 7.36
C LEU B 12 11.70 -5.16 7.35
N MET B 13 10.68 -5.46 6.50
N MET B 13 10.70 -5.23 6.48
N MET B 13 10.72 -5.16 6.43
CA MET B 13 9.37 -4.92 6.84
CA MET B 13 9.38 -4.66 6.78
CA MET B 13 9.41 -4.63 6.75
C MET B 13 8.69 -5.79 7.87
C MET B 13 8.62 -5.47 7.82
C MET B 13 8.69 -5.48 7.80
N ALA B 14 8.98 -7.10 7.83
N ALA B 14 8.79 -6.80 7.83
N ALA B 14 8.82 -6.80 7.74
CA ALA B 14 8.53 -7.98 8.89
CA ALA B 14 8.19 -7.59 8.90
CA ALA B 14 8.20 -7.63 8.77
C ALA B 14 9.17 -7.60 10.22
C ALA B 14 8.87 -7.36 10.24
C ALA B 14 8.84 -7.39 10.13
N ARG B 15 10.48 -7.37 10.22
N ARG B 15 10.19 -7.13 10.26
N ARG B 15 10.16 -7.30 10.21
CA ARG B 15 11.13 -6.95 11.45
CA ARG B 15 10.87 -6.74 11.50
CA ARG B 15 10.83 -6.99 11.48
C ARG B 15 10.46 -5.71 12.02
C ARG B 15 10.37 -5.41 12.01
C ARG B 15 10.39 -5.63 12.01
N TYR B 16 10.11 -4.77 11.14
N TYR B 16 10.04 -4.47 11.13
N TYR B 16 10.35 -4.62 11.12
CA TYR B 16 9.62 -3.45 11.55
CA TYR B 16 9.46 -3.21 11.57
CA TYR B 16 9.84 -3.32 11.51
C TYR B 16 8.34 -3.55 12.39
C TYR B 16 8.16 -3.46 12.34
C TYR B 16 8.52 -3.48 12.24
N ILE B 17 7.30 -4.19 11.86
N ILE B 17 7.30 -4.33 11.81
N ILE B 17 7.62 -4.31 11.70
CA ILE B 17 6.03 -4.28 12.57
CA ILE B 17 6.07 -4.67 12.51
CA ILE B 17 6.35 -4.52 12.38
C ILE B 17 6.19 -5.00 13.90
C ILE B 17 6.38 -5.36 13.83
C ILE B 17 6.55 -5.18 13.74
N GLU B 18 7.06 -6.01 13.98
N GLU B 18 7.36 -6.25 13.82
N GLU B 18 7.46 -6.14 13.84
CA GLU B 18 7.36 -6.64 15.27
CA GLU B 18 7.73 -6.88 15.07
CA GLU B 18 7.74 -6.75 15.15
C GLU B 18 7.99 -5.64 16.23
C GLU B 18 8.21 -5.85 16.09
C GLU B 18 8.02 -5.68 16.20
N LEU B 19 9.01 -4.91 15.78
N LEU B 19 8.98 -4.86 15.65
N LEU B 19 8.66 -4.58 15.81
CA LEU B 19 9.55 -3.83 16.59
CA LEU B 19 9.46 -3.84 16.56
CA LEU B 19 9.14 -3.58 16.76
C LEU B 19 8.44 -2.89 17.04
C LEU B 19 8.35 -2.90 17.05
C LEU B 19 8.04 -2.62 17.19
N VAL B 20 7.56 -2.51 16.10
N VAL B 20 7.39 -2.58 16.18
N VAL B 20 7.17 -2.21 16.26
CA VAL B 20 6.38 -1.74 16.45
CA VAL B 20 6.27 -1.71 16.59
CA VAL B 20 6.01 -1.40 16.61
C VAL B 20 5.55 -2.45 17.52
C VAL B 20 5.36 -2.49 17.55
C VAL B 20 5.23 -2.12 17.70
N ASP B 21 5.26 -3.74 17.29
N ASP B 21 5.22 -3.78 17.31
N ASP B 21 4.94 -3.40 17.46
CA ASP B 21 4.42 -4.49 18.21
CA ASP B 21 4.40 -4.64 18.15
CA ASP B 21 4.11 -4.18 18.37
C ASP B 21 5.08 -4.63 19.59
C ASP B 21 4.92 -4.72 19.59
C ASP B 21 4.73 -4.25 19.76
N VAL B 22 6.36 -4.98 19.64
N VAL B 22 6.23 -4.59 19.80
N VAL B 22 6.04 -4.47 19.84
CA VAL B 22 7.03 -5.08 20.92
CA VAL B 22 6.76 -4.70 21.15
CA VAL B 22 6.72 -4.58 21.14
C VAL B 22 7.25 -3.73 21.58
C VAL B 22 6.87 -3.33 21.80
C VAL B 22 7.17 -3.21 21.65
N GLY B 23 7.31 -2.66 20.78
N GLY B 23 6.89 -2.26 21.01
N GLY B 23 7.25 -2.23 20.78
CA GLY B 23 7.40 -1.30 21.29
CA GLY B 23 7.09 -0.92 21.51
CA GLY B 23 7.53 -0.91 21.26
C GLY B 23 8.79 -0.84 21.60
C GLY B 23 8.52 -0.50 21.72
C GLY B 23 8.98 -0.62 21.57
N ASP B 24 9.76 -1.21 20.77
N ASP B 24 9.49 -1.13 21.05
N ASP B 24 9.92 -1.36 20.97
CA ASP B 24 11.17 -0.87 21.00
CA ASP B 24 10.90 -0.75 21.19
CA ASP B 24 11.33 -1.00 21.10
C ASP B 24 11.52 0.39 20.20
C ASP B 24 11.16 0.45 20.30
C ASP B 24 11.55 0.21 20.17
N ILE B 25 11.39 1.54 20.86
N ILE B 25 10.93 1.62 20.89
N ILE B 25 11.19 1.38 20.70
CA ILE B 25 11.54 2.83 20.18
CA ILE B 25 10.98 2.87 20.14
CA ILE B 25 11.28 2.64 19.97
C ILE B 25 12.92 2.97 19.57
C ILE B 25 12.39 3.14 19.63
C ILE B 25 12.69 2.86 19.43
N GLU B 26 13.96 2.60 20.30
N GLU B 26 13.42 2.93 20.46
N GLU B 26 13.70 2.73 20.30
CA GLU B 26 15.28 2.85 19.78
CA GLU B 26 14.79 3.17 20.02
CA GLU B 26 15.07 2.94 19.87
C GLU B 26 15.63 1.92 18.64
C GLU B 26 15.16 2.32 18.82
C GLU B 26 15.41 2.11 18.64
N ALA B 27 15.10 0.70 18.65
N ALA B 27 14.71 1.07 18.82
N ALA B 27 15.05 0.83 18.65
CA ALA B 27 15.23 -0.17 17.49
CA ALA B 27 15.03 0.15 17.74
CA ALA B 27 15.43 -0.05 17.54
C ALA B 27 14.46 0.40 16.28
C ALA B 27 14.31 0.55 16.45
C ALA B 27 14.65 0.27 16.27
N ILE B 28 13.21 0.83 16.50
N ILE B 28 13.08 1.06 16.58
N ILE B 28 13.41 0.76 16.39
CA ILE B 28 12.40 1.36 15.39
CA ILE B 28 12.36 1.53 15.40
CA ILE B 28 12.68 1.20 15.20
C ILE B 28 13.12 2.52 14.71
C ILE B 28 13.10 2.68 14.74
C ILE B 28 13.41 2.39 14.57
N VAL B 29 13.46 3.54 15.49
N VAL B 29 13.72 3.54 15.53
N VAL B 29 13.85 3.33 15.41
CA VAL B 29 14.03 4.77 14.94
CA VAL B 29 14.38 4.70 14.95
CA VAL B 29 14.44 4.57 14.93
C VAL B 29 15.31 4.49 14.19
C VAL B 29 15.65 4.28 14.21
C VAL B 29 15.70 4.27 14.12
N GLN B 30 16.11 3.52 14.64
N GLN B 30 16.33 3.24 14.68
N GLN B 30 16.51 3.31 14.56
CA GLN B 30 17.37 3.20 13.95
CA GLN B 30 17.54 2.76 14.05
CA GLN B 30 17.68 2.93 13.81
C GLN B 30 17.18 2.49 12.61
C GLN B 30 17.29 2.15 12.67
C GLN B 30 17.35 2.23 12.50
N MET B 31 16.04 1.81 12.40
N MET B 31 16.02 1.86 12.32
N MET B 31 16.09 1.77 12.33
CA MET B 31 15.84 1.22 11.07
CA MET B 31 15.68 1.36 10.98
CA MET B 31 15.65 1.31 11.02
C MET B 31 15.73 2.28 9.97
C MET B 31 15.63 2.48 9.93
C MET B 31 15.37 2.43 10.03
N TYR B 32 15.53 3.54 10.33
N TYR B 32 15.27 3.69 10.34
N TYR B 32 15.09 3.65 10.50
CA TYR B 32 15.37 4.66 9.40
CA TYR B 32 15.17 4.84 9.44
CA TYR B 32 15.00 4.82 9.64
C TYR B 32 16.69 5.32 9.05
C TYR B 32 16.55 5.42 9.18
C TYR B 32 16.38 5.38 9.36
N ALA B 33 16.69 6.01 7.92
N ALA B 33 16.85 5.66 7.90
N ALA B 33 16.54 5.94 8.17
CA ALA B 33 17.79 6.91 7.60
CA ALA B 33 18.03 6.46 7.59
CA ALA B 33 17.79 6.64 7.85
C ALA B 33 17.75 8.12 8.54
C ALA B 33 18.05 7.69 8.51
C ALA B 33 17.88 7.94 8.65
N ASP B 34 18.95 8.61 8.88
N ASP B 34 19.26 8.19 8.79
N ASP B 34 19.07 8.57 8.64
CA ASP B 34 19.05 9.70 9.84
CA ASP B 34 19.40 9.31 9.73
CA ASP B 34 19.26 9.75 9.49
C ASP B 34 18.23 10.91 9.42
C ASP B 34 18.60 10.53 9.28
C ASP B 34 18.38 10.91 9.03
N ASP B 35 18.11 11.13 8.10
N ASP B 35 18.38 10.69 7.97
N ASP B 35 18.17 11.02 7.72
CA ASP B 35 17.34 12.21 7.50
CA ASP B 35 17.65 11.81 7.40
CA ASP B 35 17.44 12.12 7.11
C ASP B 35 16.08 11.70 6.83
C ASP B 35 16.39 11.37 6.66
C ASP B 35 16.08 11.70 6.57
N ALA B 36 15.69 10.46 7.11
N ALA B 36 15.69 10.37 7.20
N ALA B 36 15.43 10.72 7.19
CA ALA B 36 14.51 9.87 6.53
CA ALA B 36 14.47 9.82 6.58
CA ALA B 36 14.24 10.12 6.59
C ALA B 36 13.29 10.72 6.84
C ALA B 36 13.31 10.83 6.58
C ALA B 36 13.00 10.97 6.82
N THR B 37 12.27 10.58 6.00
N THR B 37 12.39 10.66 5.62
N THR B 37 12.02 10.73 5.97
CA THR B 37 11.01 11.23 6.21
CA THR B 37 11.15 11.44 5.52
CA THR B 37 10.72 11.35 6.09
C THR B 37 9.90 10.20 6.39
C THR B 37 9.94 10.52 5.68
C THR B 37 9.67 10.30 6.44
N VAL B 38 8.95 10.57 7.22
N VAL B 38 9.04 10.87 6.59
N VAL B 38 8.71 10.75 7.24
CA VAL B 38 7.69 9.85 7.38
CA VAL B 38 7.87 10.05 6.94
CA VAL B 38 7.53 9.97 7.60
C VAL B 38 6.57 10.78 6.97
C VAL B 38 6.62 10.89 6.72
C VAL B 38 6.30 10.80 7.27
N GLU B 39 5.73 10.36 6.01
N GLU B 39 5.59 10.26 6.18
N GLU B 39 5.38 10.22 6.51
CA GLU B 39 4.42 10.99 5.80
CA GLU B 39 4.27 10.88 6.08
CA GLU B 39 4.14 10.90 6.10
C GLU B 39 3.37 10.09 6.39
C GLU B 39 3.28 9.91 6.73
C GLU B 39 3.04 10.08 6.74
N ASN B 40 2.94 10.40 7.61
N ASN B 40 2.65 10.32 7.83
N ASN B 40 2.48 10.60 7.81
CA ASN B 40 2.06 9.53 8.38
CA ASN B 40 1.84 9.41 8.63
CA ASN B 40 1.58 9.80 8.62
C ASN B 40 1.07 10.39 9.16
C ASN B 40 0.75 10.15 9.42
C ASN B 40 0.49 10.69 9.20
N PRO B 41 -0.18 10.55 8.66
N PRO B 41 -0.48 10.23 8.91
N PRO B 41 -0.75 10.61 8.69
CA PRO B 41 -0.72 9.91 7.44
CA PRO B 41 -0.99 9.64 7.66
CA PRO B 41 -1.17 9.81 7.55
C PRO B 41 -0.29 10.60 6.14
C PRO B 41 -0.55 10.37 6.40
C PRO B 41 -0.75 10.50 6.28
N PHE B 42 -0.22 9.81 5.06
N PHE B 42 -0.45 9.63 5.28
N PHE B 42 -0.61 9.72 5.23
CA PHE B 42 0.03 10.36 3.75
CA PHE B 42 -0.18 10.25 3.99
CA PHE B 42 -0.38 10.26 3.91
C PHE B 42 -0.99 11.45 3.45
C PHE B 42 -1.29 11.26 3.70
C PHE B 42 -1.41 11.34 3.65
N GLY B 43 -0.51 12.56 2.89
N GLY B 43 -0.92 12.36 3.05
N GLY B 43 -0.93 12.56 3.36
CA GLY B 43 -1.30 13.75 2.70
CA GLY B 43 -1.78 13.51 2.91
CA GLY B 43 -1.78 13.74 3.24
C GLY B 43 -1.02 14.84 3.71
C GLY B 43 -1.49 14.63 3.87
C GLY B 43 -1.42 14.82 4.24
N GLN B 44 -0.50 14.46 4.95
N GLN B 44 -0.45 14.50 4.70
N GLN B 44 -0.86 14.45 5.36
CA GLN B 44 -0.09 15.44 5.93
CA GLN B 44 0.01 15.51 5.62
CA GLN B 44 -0.44 15.43 6.34
C GLN B 44 1.36 15.86 5.69
C GLN B 44 1.49 15.74 5.41
C GLN B 44 1.04 15.72 6.18
N PRO B 45 1.71 17.07 6.11
N PRO B 45 2.02 16.86 5.91
N PRO B 45 1.55 16.80 6.75
CA PRO B 45 3.11 17.49 6.05
CA PRO B 45 3.40 17.19 5.61
CA PRO B 45 2.93 17.23 6.47
C PRO B 45 4.00 16.43 6.65
C PRO B 45 4.38 16.19 6.23
C PRO B 45 3.95 16.20 6.92
N PRO B 46 5.18 16.21 6.08
N PRO B 46 5.51 15.95 5.55
N PRO B 46 5.00 15.98 6.14
CA PRO B 46 6.04 15.12 6.56
CA PRO B 46 6.50 15.01 6.05
CA PRO B 46 6.02 15.01 6.58
C PRO B 46 6.73 15.44 7.88
C PRO B 46 7.22 15.56 7.24
C PRO B 46 6.81 15.52 7.78
N ILE B 47 7.42 14.41 8.38
N ILE B 47 7.55 14.68 8.14
N ILE B 47 7.13 14.61 8.68
N ILE B 47 7.03 14.56 8.63
CA ILE B 47 8.22 14.43 9.59
CA ILE B 47 8.53 14.97 9.15
CA ILE B 47 8.20 14.87 9.63
CA ILE B 47 8.03 14.80 9.66
C ILE B 47 9.66 14.16 9.16
C ILE B 47 9.86 14.43 8.66
C ILE B 47 9.50 14.40 8.98
C ILE B 47 9.41 14.30 9.21
N HIS B 48 10.57 15.08 9.45
N HIS B 48 10.95 15.01 9.17
N HIS B 48 10.63 14.72 9.58
CA HIS B 48 11.94 15.03 8.92
CA HIS B 48 12.31 14.78 8.65
CA HIS B 48 11.91 14.50 8.91
C HIS B 48 12.91 14.61 10.01
C HIS B 48 13.31 14.48 9.76
C HIS B 48 13.04 14.45 9.92
N GLY B 49 13.66 13.54 9.75
N GLY B 49 14.09 13.42 9.57
N GLY B 49 13.80 13.36 9.91
CA GLY B 49 14.85 13.22 10.50
CA GLY B 49 15.21 13.10 10.42
CA GLY B 49 14.95 13.24 10.77
C GLY B 49 14.61 12.39 11.75
C GLY B 49 14.80 12.31 11.65
C GLY B 49 14.69 12.32 11.95
N ARG B 50 15.65 11.66 12.16
N ARG B 50 15.78 11.63 12.26
N ARG B 50 15.77 11.71 12.44
CA ARG B 50 15.53 10.75 13.30
CA ARG B 50 15.44 10.70 13.33
CA ARG B 50 15.63 10.72 13.51
C ARG B 50 15.04 11.45 14.55
C ARG B 50 14.94 11.38 14.58
C ARG B 50 15.11 11.36 14.80
N GLU B 51 15.35 12.74 14.75
N GLU B 51 15.52 12.50 14.99
N GLU B 51 15.38 12.64 15.05
CA GLU B 51 14.88 13.41 15.97
CA GLU B 51 15.05 13.10 16.24
CA GLU B 51 14.81 13.26 16.24
C GLU B 51 13.36 13.44 16.02
C GLU B 51 13.53 13.26 16.20
C GLU B 51 13.31 13.46 16.08
N GLN B 52 12.73 13.99 14.98
N GLN B 52 13.00 13.79 15.09
N GLN B 52 12.89 13.95 14.91
CA GLN B 52 11.28 14.15 14.95
CA GLN B 52 11.56 14.02 14.96
CA GLN B 52 11.46 14.07 14.63
C GLN B 52 10.57 12.82 14.81
C GLN B 52 10.79 12.71 14.86
C GLN B 52 10.79 12.70 14.60
N ILE B 53 11.21 11.82 14.21
N ILE B 53 11.26 11.79 14.01
N ILE B 53 11.51 11.67 14.15
CA ILE B 53 10.63 10.48 14.11
CA ILE B 53 10.67 10.45 13.95
CA ILE B 53 10.95 10.31 14.01
C ILE B 53 10.67 9.77 15.47
C ILE B 53 10.52 9.89 15.37
C ILE B 53 10.95 9.58 15.36
N ALA B 54 11.82 9.83 16.17
N ALA B 54 11.58 10.04 16.19
CA ALA B 54 11.85 9.30 17.53
CA ALA B 54 11.56 9.51 17.55
C ALA B 54 10.75 9.94 18.37
C ALA B 54 10.44 10.14 18.37
N ALA B 55 10.57 11.25 18.25
N ALA B 55 10.27 11.46 18.26
CA ALA B 55 9.52 11.94 18.99
CA ALA B 55 9.21 12.06 19.05
C ALA B 55 8.14 11.39 18.66
C ALA B 55 7.85 11.61 18.55
N PHE B 56 7.86 11.19 17.36
N PHE B 56 7.72 11.35 17.24
CA PHE B 56 6.60 10.63 16.90
CA PHE B 56 6.45 10.82 16.74
C PHE B 56 6.36 9.23 17.47
C PHE B 56 6.12 9.50 17.41
N PHE B 57 7.36 8.34 17.43
N PHE B 57 7.09 8.59 17.46
CA PHE B 57 7.13 7.03 18.00
CA PHE B 57 6.87 7.24 17.97
C PHE B 57 6.89 7.10 19.52
C PHE B 57 6.97 7.09 19.50
N ARG B 58 7.75 7.83 20.24
N ARG B 58 7.77 7.93 20.17
N ARG B 58 7.46 8.37 20.15
CA ARG B 58 7.57 8.09 21.67
CA ARG B 58 7.77 7.85 21.62
CA ARG B 58 7.29 8.21 21.59
C ARG B 58 6.15 8.54 22.00
C ARG B 58 6.42 8.26 22.18
C ARG B 58 5.88 8.59 21.95
N GLN B 59 5.61 9.51 21.24
N GLN B 59 5.77 9.25 21.56
N GLN B 59 5.36 9.61 21.27
CA GLN B 59 4.24 9.96 21.45
CA GLN B 59 4.44 9.65 21.99
CA GLN B 59 3.96 9.99 21.45
C GLN B 59 3.23 8.84 21.19
C GLN B 59 3.39 8.62 21.55
C GLN B 59 3.03 8.83 21.14
N GLY B 60 3.53 7.92 20.27
N GLY B 60 3.41 8.24 20.27
N GLY B 60 3.29 8.11 20.05
CA GLY B 60 2.56 6.93 19.85
CA GLY B 60 2.37 7.38 19.75
CA GLY B 60 2.38 7.05 19.61
C GLY B 60 2.65 5.61 20.58
C GLY B 60 2.34 6.02 20.43
C GLY B 60 2.47 5.76 20.40
N LEU B 61 3.87 5.14 20.84
N LEU B 61 3.51 5.53 20.86
N LEU B 61 3.67 5.35 20.80
CA LEU B 61 4.11 3.84 21.41
CA LEU B 61 3.65 4.19 21.41
CA LEU B 61 3.85 4.07 21.45
C LEU B 61 4.50 3.89 22.88
C LEU B 61 4.02 4.16 22.87
C LEU B 61 4.26 4.17 22.92
N GLY B 62 4.80 5.08 23.42
N GLY B 62 4.81 5.14 23.34
N GLY B 62 4.63 5.36 23.39
CA GLY B 62 5.38 5.15 24.76
CA GLY B 62 5.50 5.09 24.62
CA GLY B 62 5.19 5.48 24.73
C GLY B 62 4.40 4.93 25.89
C GLY B 62 4.69 4.64 25.82
C GLY B 62 4.18 5.37 25.84
N GLY B 63 3.16 5.37 25.73
N GLY B 63 3.37 4.71 25.75
N GLY B 63 2.89 5.46 25.53
CA GLY B 63 2.23 5.38 26.84
CA GLY B 63 2.51 4.26 26.82
CA GLY B 63 1.86 5.18 26.52
C GLY B 63 1.31 4.17 26.90
C GLY B 63 2.21 2.79 26.82
C GLY B 63 1.60 3.70 26.75
N GLY B 64 0.08 4.32 26.43
N GLY B 64 2.88 2.01 25.97
N GLY B 64 2.24 2.83 25.99
CA GLY B 64 -0.86 3.22 26.44
CA GLY B 64 2.53 0.61 25.87
CA GLY B 64 1.97 1.41 26.05
C GLY B 64 -0.44 2.11 25.48
C GLY B 64 1.11 0.39 25.35
C GLY B 64 0.57 1.11 25.53
N LYS B 65 -0.98 0.92 25.75
N LYS B 65 0.67 -0.85 25.46
N LYS B 65 0.25 -0.19 25.55
CA LYS B 65 -0.64 -0.29 25.00
CA LYS B 65 -0.68 -1.27 25.07
CA LYS B 65 -1.05 -0.68 25.11
C LYS B 65 -1.04 -0.19 23.52
C LYS B 65 -0.96 -1.10 23.58
C LYS B 65 -1.31 -0.38 23.63
N VAL B 66 -0.07 -0.16 22.60
N VAL B 66 0.07 -1.00 22.74
N VAL B 66 -0.26 -0.41 22.83
CA VAL B 66 -0.35 -0.30 21.17
CA VAL B 66 -0.14 -1.00 21.29
CA VAL B 66 -0.37 -0.45 21.38
C VAL B 66 0.19 -1.65 20.71
C VAL B 66 0.27 -2.39 20.78
C VAL B 66 0.15 -1.80 20.92
N ARG B 67 -0.60 -2.38 19.95
N ARG B 67 -0.59 -3.01 20.00
N ARG B 67 -0.56 -2.41 20.00
CA ARG B 67 -0.14 -3.60 19.31
CA ARG B 67 -0.24 -4.24 19.31
CA ARG B 67 -0.16 -3.66 19.37
C ARG B 67 -0.24 -3.41 17.80
C ARG B 67 -0.42 -4.05 17.82
C ARG B 67 -0.28 -3.48 17.87
N ALA B 68 0.49 -4.23 17.05
N ALA B 68 0.38 -4.78 17.04
N ALA B 68 0.56 -4.21 17.12
CA ALA B 68 0.46 -4.17 15.59
CA ALA B 68 0.29 -4.64 15.60
CA ALA B 68 0.52 -4.18 15.67
C ALA B 68 0.81 -5.54 15.00
C ALA B 68 0.82 -5.91 14.93
C ALA B 68 0.73 -5.57 15.11
N CYS B 69 -0.07 -6.06 14.12
N CYS B 69 0.21 -6.26 13.81
N CYS B 69 0.16 -5.79 13.94
N CYS B 69 -0.22 -5.81 14.07
CA CYS B 69 0.21 -7.29 13.41
CA CYS B 69 0.57 -7.47 13.12
CA CYS B 69 0.35 -7.09 13.31
CA CYS B 69 -0.02 -7.13 13.49
C CYS B 69 -0.06 -7.15 11.91
C CYS B 69 0.28 -7.30 11.64
C CYS B 69 0.09 -6.97 11.82
C CYS B 69 -0.12 -7.06 11.98
N LEU B 70 0.83 -7.74 11.12
N LEU B 70 1.09 -7.95 10.81
N LEU B 70 0.87 -7.70 11.05
CA LEU B 70 0.65 -7.87 9.69
CA LEU B 70 0.74 -8.07 9.41
CA LEU B 70 0.59 -7.87 9.63
C LEU B 70 -0.57 -8.72 9.38
C LEU B 70 -0.59 -8.79 9.31
C LEU B 70 -0.76 -8.55 9.47
N THR B 71 -1.48 -8.15 8.59
N THR B 71 -1.33 -8.43 8.27
N THR B 71 -1.44 -8.17 8.40
CA THR B 71 -2.69 -8.86 8.15
CA THR B 71 -2.54 -9.14 7.89
CA THR B 71 -2.68 -8.83 8.02
C THR B 71 -2.46 -9.67 6.88
C THR B 71 -2.32 -9.93 6.61
C THR B 71 -2.57 -9.43 6.63
N GLY B 72 -1.41 -9.37 6.12
N GLY B 72 -1.12 -9.86 6.03
N GLY B 72 -1.35 -9.59 6.13
CA GLY B 72 -1.05 -10.15 4.96
CA GLY B 72 -0.78 -10.59 4.85
CA GLY B 72 -1.07 -10.25 4.89
C GLY B 72 0.43 -9.99 4.63
C GLY B 72 0.69 -10.37 4.56
C GLY B 72 0.40 -10.05 4.60
N PRO B 73 0.85 -10.48 3.47
N PRO B 73 1.17 -10.87 3.44
N PRO B 73 0.94 -10.81 3.64
CA PRO B 73 2.29 -10.50 3.15
CA PRO B 73 2.61 -10.74 3.13
CA PRO B 73 2.38 -10.78 3.40
C PRO B 73 2.84 -9.14 2.71
C PRO B 73 2.99 -9.33 2.73
C PRO B 73 2.85 -9.40 2.95
N VAL B 74 4.17 -9.01 2.80
N VAL B 74 4.20 -8.93 3.12
N VAL B 74 4.17 -9.25 2.98
CA VAL B 74 4.87 -7.82 2.32
CA VAL B 74 4.84 -7.78 2.48
CA VAL B 74 4.82 -8.04 2.50
C VAL B 74 5.08 -7.90 0.80
C VAL B 74 4.90 -8.04 1.00
C VAL B 74 5.00 -8.12 0.97
N ARG B 75 4.60 -6.88 0.08
N ARG B 75 4.56 -7.00 0.23
N ARG B 75 4.45 -7.13 0.25
CA ARG B 75 4.73 -6.80 -1.38
CA ARG B 75 4.83 -6.92 -1.20
CA ARG B 75 4.68 -6.99 -1.18
C ARG B 75 5.97 -5.99 -1.72
C ARG B 75 6.15 -6.20 -1.36
C ARG B 75 5.99 -6.24 -1.39
N ALA B 76 6.94 -6.61 -2.37
N ALA B 76 6.92 -6.61 -2.38
N ALA B 76 6.94 -6.89 -2.06
CA ALA B 76 8.21 -5.93 -2.59
CA ALA B 76 8.28 -6.12 -2.50
CA ALA B 76 8.25 -6.30 -2.31
C ALA B 76 8.49 -5.72 -4.07
C ALA B 76 8.69 -6.00 -3.95
C ALA B 76 8.53 -6.21 -3.81
N SER B 77 9.26 -4.68 -4.33
N SER B 77 9.15 -4.81 -4.35
N SER B 77 9.30 -5.18 -4.18
CA SER B 77 9.81 -4.43 -5.66
CA SER B 77 9.57 -4.55 -5.72
CA SER B 77 9.75 -4.91 -5.54
C SER B 77 11.27 -4.89 -5.71
C SER B 77 11.06 -4.83 -5.90
C SER B 77 11.21 -5.28 -5.68
N HIS B 78 11.80 -4.99 -6.92
N HIS B 78 11.60 -4.61 -7.12
N HIS B 78 11.74 -5.01 -6.88
CA HIS B 78 13.22 -5.27 -7.07
CA HIS B 78 13.03 -4.78 -7.39
CA HIS B 78 13.16 -5.19 -7.20
C HIS B 78 14.10 -4.03 -6.97
C HIS B 78 13.85 -3.50 -7.31
C HIS B 78 13.94 -3.87 -7.22
N ASN B 79 13.53 -2.85 -6.68
N ASN B 79 13.23 -2.38 -6.91
N ASN B 79 13.36 -2.75 -6.78
CA ASN B 79 14.26 -1.60 -6.58
CA ASN B 79 13.91 -1.11 -6.78
CA ASN B 79 14.12 -1.52 -6.59
C ASN B 79 14.17 -0.98 -5.18
C ASN B 79 13.94 -0.60 -5.35
C ASN B 79 14.13 -1.07 -5.13
N GLY B 80 14.03 -1.82 -4.17
N GLY B 80 14.04 -1.51 -4.39
N GLY B 80 14.13 -2.01 -4.20
CA GLY B 80 14.09 -1.32 -2.81
CA GLY B 80 14.28 -1.13 -3.00
CA GLY B 80 14.32 -1.67 -2.80
C GLY B 80 12.88 -0.55 -2.33
C GLY B 80 13.06 -0.68 -2.24
C GLY B 80 13.10 -1.09 -2.11
N CYS B 81 11.70 -0.89 -2.81
N CYS B 81 11.87 -1.00 -2.71
N CYS B 81 11.91 -1.38 -2.60
CA CYS B 81 10.46 -0.36 -2.26
CA CYS B 81 10.64 -0.52 -2.11
CA CYS B 81 10.67 -0.84 -2.04
C CYS B 81 9.53 -1.51 -1.89
C CYS B 81 9.73 -1.70 -1.80
C CYS B 81 9.72 -1.96 -1.66
N GLY B 82 8.61 -1.21 -0.99
N GLY B 82 8.66 -1.43 -1.06
N GLY B 82 8.81 -1.64 -0.75
CA GLY B 82 7.64 -2.22 -0.61
CA GLY B 82 7.71 -2.47 -0.70
CA GLY B 82 7.77 -2.59 -0.41
C GLY B 82 6.42 -1.58 0.01
C GLY B 82 6.51 -1.83 -0.04
C GLY B 82 6.56 -1.91 0.19
N ALA B 83 5.39 -2.39 0.10
N ALA B 83 5.53 -2.69 0.28
N ALA B 83 5.49 -2.68 0.29
CA ALA B 83 4.13 -1.98 0.69
CA ALA B 83 4.24 -2.28 0.82
CA ALA B 83 4.26 -2.20 0.90
C ALA B 83 3.64 -3.15 1.53
C ALA B 83 3.73 -3.40 1.73
C ALA B 83 3.62 -3.34 1.68
N MET B 84 3.11 -2.85 2.70
N MET B 84 2.97 -3.04 2.76
N MET B 84 3.02 -2.95 2.79
CA MET B 84 2.61 -3.90 3.59
CA MET B 84 2.46 -4.11 3.61
CA MET B 84 2.49 -3.95 3.72
C MET B 84 1.31 -3.43 4.22
C MET B 84 1.15 -3.72 4.28
C MET B 84 1.16 -3.48 4.32
N PRO B 85 0.36 -4.36 4.46
N PRO B 85 0.27 -4.69 4.52
N PRO B 85 0.23 -4.50 4.47
CA PRO B 85 -0.85 -4.03 5.22
CA PRO B 85 -0.99 -4.41 5.21
CA PRO B 85 -0.98 -4.26 5.24
C PRO B 85 -0.76 -4.54 6.66
C PRO B 85 -0.90 -4.76 6.68
C PRO B 85 -0.87 -4.85 6.63
N PHE B 86 -1.39 -3.83 7.60
N PHE B 86 -1.25 -3.82 7.57
N PHE B 86 -1.40 -4.10 7.59
CA PHE B 86 -1.40 -4.29 8.98
CA PHE B 86 -1.22 -4.10 9.00
CA PHE B 86 -1.34 -4.51 8.98
C PHE B 86 -2.45 -3.52 9.76
C PHE B 86 -2.40 -3.47 9.72
C PHE B 86 -2.54 -3.91 9.69
N ARG B 87 -2.52 -3.81 11.06
N ARG B 87 -2.71 -4.06 10.88
N ARG B 87 -2.76 -4.40 10.91
N ARG B 87 -2.57 -3.92 11.01
CA ARG B 87 -3.62 -3.42 11.92
CA ARG B 87 -3.79 -3.63 11.74
CA ARG B 87 -3.74 -3.89 11.85
CA ARG B 87 -3.57 -3.31 11.89
C ARG B 87 -3.06 -3.00 13.28
C ARG B 87 -3.23 -3.33 13.12
C ARG B 87 -3.07 -3.54 13.17
C ARG B 87 -2.91 -2.95 13.19
N VAL B 88 -3.22 -1.73 13.63
N VAL B 88 -3.52 -2.13 13.62
N VAL B 88 -3.45 -2.39 13.73
CA VAL B 88 -2.77 -1.20 14.92
CA VAL B 88 -3.02 -1.65 14.89
CA VAL B 88 -2.97 -1.89 15.01
C VAL B 88 -3.94 -1.24 15.89
C VAL B 88 -4.17 -1.71 15.89
C VAL B 88 -4.16 -1.84 15.93
N GLU B 89 -3.75 -1.84 17.07
N GLU B 89 -3.80 -1.68 17.16
N GLU B 89 -3.96 -2.32 17.16
CA GLU B 89 -4.82 -2.01 18.04
CA GLU B 89 -4.83 -1.61 18.18
CA GLU B 89 -4.93 -2.24 18.25
C GLU B 89 -4.44 -1.37 19.36
C GLU B 89 -4.30 -0.77 19.34
C GLU B 89 -4.41 -1.26 19.31
N MET B 90 -5.36 -0.61 19.95
N MET B 90 -5.19 0.00 19.94
N MET B 90 -5.23 -0.28 19.70
CA MET B 90 -5.06 0.16 21.16
CA MET B 90 -4.87 0.79 21.12
CA MET B 90 -4.83 0.72 20.69
C MET B 90 -6.37 0.57 21.83
C MET B 90 -6.17 1.36 21.67
C MET B 90 -6.03 1.15 21.54
N VAL B 91 -6.24 1.37 22.89
N VAL B 91 -6.10 1.91 22.88
N VAL B 91 -5.78 2.06 22.48
CA VAL B 91 -7.36 1.99 23.59
CA VAL B 91 -7.25 2.48 23.56
CA VAL B 91 -6.84 2.55 23.36
C VAL B 91 -7.15 3.50 23.54
C VAL B 91 -7.18 4.00 23.43
C VAL B 91 -7.02 4.04 23.16
N TRP B 92 -8.21 4.22 23.19
N TRP B 92 -8.27 4.60 22.95
CA TRP B 92 -8.18 5.67 22.98
CA TRP B 92 -8.34 6.04 22.67
C TRP B 92 -9.38 6.27 23.71
C TRP B 92 -9.42 6.61 23.58
N ASN B 93 -9.09 7.20 24.62
N ASN B 93 -8.99 7.20 24.69
CA ASN B 93 -10.09 7.86 25.47
CA ASN B 93 -9.90 7.71 25.73
C ASN B 93 -11.16 6.89 25.95
C ASN B 93 -10.76 6.59 26.31
N GLY B 94 -10.71 5.70 26.40
N GLY B 94 -10.10 5.51 26.72
CA GLY B 94 -11.60 4.69 26.93
CA GLY B 94 -10.81 4.39 27.30
C GLY B 94 -12.22 3.76 25.93
C GLY B 94 -11.57 3.53 26.33
N GLN B 95 -12.05 4.04 24.64
N GLN B 95 -11.49 3.82 25.02
N GLN B 95 -12.21 3.99 24.67
CA GLN B 95 -12.67 3.23 23.60
CA GLN B 95 -12.15 2.98 24.03
CA GLN B 95 -12.70 3.12 23.61
C GLN B 95 -11.66 2.27 23.00
C GLN B 95 -11.10 2.13 23.35
C GLN B 95 -11.60 2.27 22.99
N PRO B 96 -11.92 0.95 22.95
N PRO B 96 -11.20 0.80 23.40
N PRO B 96 -11.72 0.94 23.12
CA PRO B 96 -10.96 0.07 22.27
CA PRO B 96 -10.30 -0.01 22.55
CA PRO B 96 -10.82 0.06 22.35
C PRO B 96 -11.12 0.27 20.78
C PRO B 96 -10.67 0.18 21.09
C PRO B 96 -10.96 0.36 20.87
N CYS B 97 -10.01 0.25 20.06
N CYS B 97 -9.65 0.44 20.27
N CYS B 97 -9.82 0.59 20.21
CA CYS B 97 -10.11 0.51 18.65
CA CYS B 97 -9.78 0.77 18.86
CA CYS B 97 -9.81 0.99 18.81
C CYS B 97 -9.03 -0.24 17.88
C CYS B 97 -8.92 -0.14 18.00
C CYS B 97 -8.78 0.23 18.00
N ALA B 98 -9.39 -0.61 16.65
N ALA B 98 -9.17 -0.08 16.69
N ALA B 98 -9.08 0.09 16.72
CA ALA B 98 -8.49 -1.25 15.71
CA ALA B 98 -8.37 -0.72 15.66
CA ALA B 98 -8.16 -0.52 15.79
C ALA B 98 -8.41 -0.35 14.49
C ALA B 98 -8.22 0.23 14.50
C ALA B 98 -8.09 0.37 14.57
N LEU B 99 -7.22 -0.27 13.93
N LEU B 99 -7.00 0.38 14.00
N LEU B 99 -6.95 0.37 13.92
CA LEU B 99 -6.98 0.59 12.77
CA LEU B 99 -6.71 1.16 12.81
CA LEU B 99 -6.73 1.16 12.72
C LEU B 99 -6.27 -0.23 11.71
C LEU B 99 -6.10 0.26 11.76
C LEU B 99 -6.05 0.30 11.68
N ASP B 100 -6.81 -0.21 10.51
N ASP B 100 -6.57 0.38 10.51
N ASP B 100 -6.69 0.15 10.51
CA ASP B 100 -6.20 -0.90 9.38
CA ASP B 100 -6.06 -0.41 9.39
CA ASP B 100 -6.07 -0.52 9.36
C ASP B 100 -5.32 0.05 8.59
C ASP B 100 -5.19 0.49 8.53
C ASP B 100 -5.13 0.47 8.67
N VAL B 101 -4.08 -0.35 8.33
N VAL B 101 -3.96 0.05 8.26
N VAL B 101 -3.95 0.01 8.26
CA VAL B 101 -3.06 0.51 7.74
CA VAL B 101 -2.94 0.88 7.64
CA VAL B 101 -2.92 0.87 7.68
C VAL B 101 -2.39 -0.23 6.60
C VAL B 101 -2.19 0.09 6.58
C VAL B 101 -2.22 0.13 6.55
N ILE B 102 -1.92 0.52 5.59
N ILE B 102 -1.76 0.79 5.53
N ILE B 102 -1.76 0.88 5.57
CA ILE B 102 -0.90 0.02 4.66
CA ILE B 102 -0.76 0.28 4.60
CA ILE B 102 -0.83 0.37 4.57
C ILE B 102 0.27 1.00 4.70
C ILE B 102 0.44 1.21 4.70
C ILE B 102 0.37 1.32 4.51
N ASP B 103 1.47 0.47 4.90
N ASP B 103 1.61 0.63 4.90
N ASP B 103 1.55 0.82 4.88
CA ASP B 103 2.70 1.24 4.82
CA ASP B 103 2.85 1.39 4.82
CA ASP B 103 2.77 1.60 4.71
C ASP B 103 3.37 0.98 3.47
C ASP B 103 3.56 1.00 3.54
C ASP B 103 3.40 1.30 3.36
N VAL B 104 3.93 2.04 2.89
N VAL B 104 4.02 2.02 2.83
N VAL B 104 3.86 2.35 2.70
CA VAL B 104 4.79 1.95 1.71
CA VAL B 104 4.84 1.90 1.62
CA VAL B 104 4.68 2.27 1.51
C VAL B 104 6.16 2.50 2.11
C VAL B 104 6.22 2.46 2.00
C VAL B 104 6.04 2.83 1.89
N MET B 105 7.24 1.76 1.80
N MET B 105 7.27 1.65 1.85
N MET B 105 7.11 2.08 1.60
CA MET B 105 8.58 2.15 2.23
CA MET B 105 8.63 2.06 2.21
CA MET B 105 8.45 2.44 2.06
C MET B 105 9.55 2.09 1.07
C MET B 105 9.56 1.96 1.02
C MET B 105 9.43 2.32 0.91
N ARG B 106 10.28 3.20 0.86
N ARG B 106 10.58 2.84 1.03
N ARG B 106 10.49 3.13 0.99
CA ARG B 106 11.49 3.19 0.04
CA ARG B 106 11.72 2.78 0.13
CA ARG B 106 11.62 3.11 0.06
C ARG B 106 12.71 3.16 0.95
C ARG B 106 12.98 2.69 1.00
C ARG B 106 12.92 3.07 0.83
N PHE B 107 13.63 2.27 0.62
N PHE B 107 13.80 1.68 0.74
N PHE B 107 13.70 2.00 0.65
CA PHE B 107 14.88 2.09 1.35
CA PHE B 107 15.05 1.47 1.47
CA PHE B 107 14.95 1.83 1.37
C PHE B 107 16.02 2.75 0.59
C PHE B 107 16.24 1.97 0.66
C PHE B 107 16.12 2.46 0.63
N ASP B 108 17.06 3.14 1.32
N ASP B 108 17.28 2.40 1.39
N ASP B 108 17.13 2.86 1.39
CA ASP B 108 18.24 3.69 0.70
CA ASP B 108 18.54 2.87 0.84
CA ASP B 108 18.35 3.41 0.82
C ASP B 108 19.29 2.60 0.45
C ASP B 108 19.52 1.72 0.72
C ASP B 108 19.38 2.31 0.59
N GLU B 109 20.43 3.04 -0.08
N GLU B 109 20.69 2.06 0.25
N GLU B 109 20.55 2.70 0.07
CA GLU B 109 21.55 2.16 -0.45
CA GLU B 109 21.85 1.21 0.03
CA GLU B 109 21.60 1.77 -0.30
C GLU B 109 22.21 1.48 0.74
C GLU B 109 22.47 0.73 1.32
C GLU B 109 22.48 1.37 0.87
N HIS B 110 21.91 1.91 1.97
N HIS B 110 21.86 0.91 2.48
N HIS B 110 21.95 1.49 2.08
CA HIS B 110 22.44 1.29 3.18
CA HIS B 110 22.32 0.34 3.74
CA HIS B 110 22.47 0.85 3.28
C HIS B 110 21.40 0.43 3.90
C HIS B 110 21.22 -0.45 4.44
C HIS B 110 21.43 -0.02 3.96
N GLY B 111 20.27 0.13 3.27
N GLY B 111 20.08 -0.68 3.79
N GLY B 111 20.22 -0.12 3.38
CA GLY B 111 19.29 -0.73 3.90
CA GLY B 111 19.02 -1.43 4.41
CA GLY B 111 19.17 -0.92 3.97
C GLY B 111 18.49 -0.07 4.99
C GLY B 111 18.22 -0.62 5.39
C GLY B 111 18.28 -0.20 4.95
N ARG B 112 18.38 1.26 4.98
N ARG B 112 18.31 0.70 5.32
N ARG B 112 18.35 1.12 5.03
CA ARG B 112 17.60 2.02 5.96
CA ARG B 112 17.55 1.59 6.17
CA ARG B 112 17.53 1.90 5.95
C ARG B 112 16.38 2.64 5.26
C ARG B 112 16.43 2.23 5.35
C ARG B 112 16.36 2.55 5.22
N ILE B 113 15.30 2.87 6.00
N ILE B 113 15.38 2.61 6.05
N ILE B 113 15.34 2.91 6.00
CA ILE B 113 14.11 3.50 5.41
CA ILE B 113 14.21 3.19 5.41
CA ILE B 113 14.08 3.43 5.49
C ILE B 113 14.45 4.94 5.02
C ILE B 113 14.52 4.65 5.13
C ILE B 113 14.27 4.92 5.20
N GLN B 114 14.31 5.25 3.74
N GLN B 114 14.47 5.04 3.84
N GLN B 114 14.26 5.28 3.93
CA GLN B 114 14.45 6.65 3.35
CA GLN B 114 14.62 6.43 3.44
CA GLN B 114 14.50 6.65 3.49
C GLN B 114 13.14 7.42 3.45
C GLN B 114 13.32 7.24 3.48
C GLN B 114 13.20 7.45 3.51
N THR B 115 12.04 6.75 3.11
N THR B 115 12.19 6.65 3.01
N THR B 115 12.25 7.06 2.69
CA THR B 115 10.74 7.38 3.00
CA THR B 115 10.86 7.27 3.11
CA THR B 115 10.94 7.66 2.70
C THR B 115 9.67 6.36 3.38
C THR B 115 9.81 6.24 3.57
C THR B 115 9.91 6.56 2.96
N MET B 116 8.87 6.68 4.39
N MET B 116 8.80 6.72 4.30
N MET B 116 8.83 6.95 3.61
CA MET B 116 7.69 5.92 4.76
CA MET B 116 7.66 5.92 4.70
CA MET B 116 7.72 6.05 3.92
C MET B 116 6.46 6.77 4.52
C MET B 116 6.38 6.74 4.61
C MET B 116 6.45 6.89 3.87
N GLN B 117 5.42 6.14 3.98
N GLN B 117 5.34 6.12 4.07
N GLN B 117 5.39 6.25 3.42
CA GLN B 117 4.12 6.78 3.76
CA GLN B 117 4.03 6.73 3.87
CA GLN B 117 4.04 6.78 3.47
C GLN B 117 3.05 5.82 4.24
C GLN B 117 3.00 5.75 4.42
C GLN B 117 3.14 5.78 4.17
N ALA B 118 2.29 6.26 5.23
N ALA B 118 2.19 6.21 5.36
N ALA B 118 2.29 6.29 5.06
CA ALA B 118 1.27 5.45 5.90
CA ALA B 118 1.22 5.34 6.04
CA ALA B 118 1.30 5.48 5.75
C ALA B 118 -0.10 5.90 5.40
C ALA B 118 -0.18 5.72 5.58
C ALA B 118 -0.08 5.90 5.26
N TYR B 119 -0.74 5.05 4.60
N TYR B 119 -0.78 4.86 4.76
N TYR B 119 -0.90 4.89 4.90
N TYR B 119 -0.73 4.94 4.72
CA TYR B 119 -2.06 5.32 4.06
CA TYR B 119 -2.11 5.13 4.23
CA TYR B 119 -2.23 5.10 4.32
CA TYR B 119 -2.09 5.17 4.22
C TYR B 119 -3.12 4.89 5.07
C TYR B 119 -3.16 4.71 5.24
C TYR B 119 -3.29 4.61 5.30
C TYR B 119 -3.10 4.69 5.25
N TRP B 120 -3.89 5.86 5.56
N TRP B 120 -3.93 5.68 5.71
N TRP B 120 -4.14 5.53 5.75
CA TRP B 120 -5.05 5.61 6.41
CA TRP B 120 -5.01 5.47 6.67
CA TRP B 120 -5.22 5.24 6.69
C TRP B 120 -5.74 6.94 6.61
C TRP B 120 -5.70 6.80 6.89
C TRP B 120 -5.99 6.53 6.93
N SER B 121 -6.97 6.85 7.08
N SER B 121 -7.01 6.77 7.11
N SER B 121 -7.21 6.38 7.42
CA SER B 121 -7.66 7.99 7.68
CA SER B 121 -7.79 7.94 7.56
CA SER B 121 -8.02 7.51 7.86
C SER B 121 -8.64 7.43 8.71
C SER B 121 -8.87 7.44 8.52
C SER B 121 -9.14 6.94 8.73
N GLU B 122 -9.54 8.31 9.15
N GLU B 122 -9.71 8.37 8.98
N GLU B 122 -10.11 7.80 9.06
CA GLU B 122 -10.54 7.90 10.13
CA GLU B 122 -10.74 7.96 9.94
CA GLU B 122 -11.17 7.39 9.97
C GLU B 122 -11.55 6.90 9.58
C GLU B 122 -11.66 6.89 9.38
C GLU B 122 -12.05 6.28 9.41
N VAL B 123 -11.57 6.64 8.25
N VAL B 123 -11.73 6.73 8.06
N VAL B 123 -12.09 6.11 8.08
CA VAL B 123 -12.49 5.64 7.72
CA VAL B 123 -12.53 5.65 7.49
CA VAL B 123 -12.81 4.98 7.51
C VAL B 123 -12.02 4.23 8.03
C VAL B 123 -11.93 4.30 7.78
C VAL B 123 -12.17 3.65 7.85
N ASN B 124 -10.72 4.06 8.28
N ASN B 124 -10.72 4.29 8.37
N ASN B 124 -10.93 3.67 8.33
CA ASN B 124 -10.18 2.77 8.71
CA ASN B 124 -9.96 3.08 8.66
CA ASN B 124 -10.13 2.49 8.69
C ASN B 124 -10.02 2.68 10.22
C ASN B 124 -9.89 2.77 10.16
C ASN B 124 -10.12 2.23 10.19
N LEU B 125 -10.58 3.63 10.98
N LEU B 125 -10.81 3.34 10.93
N LEU B 125 -10.86 3.02 10.96
CA LEU B 125 -10.60 3.53 12.44
CA LEU B 125 -10.86 3.19 12.38
CA LEU B 125 -10.92 2.91 12.40
C LEU B 125 -11.90 2.86 12.89
C LEU B 125 -12.13 2.43 12.77
C LEU B 125 -12.16 2.13 12.77
N SER B 126 -11.77 1.88 13.80
N SER B 126 -11.96 1.36 13.53
N SER B 126 -12.03 1.21 13.70
CA SER B 126 -12.94 1.16 14.31
CA SER B 126 -13.06 0.64 14.18
CA SER B 126 -13.21 0.48 14.15
C SER B 126 -12.89 1.10 15.82
C SER B 126 -12.93 0.78 15.68
C SER B 126 -13.13 0.34 15.65
N VAL B 127 -14.08 1.03 16.41
N VAL B 127 -14.01 1.19 16.35
N VAL B 127 -14.19 0.76 16.30
CA VAL B 127 -14.27 0.83 17.84
CA VAL B 127 -14.07 1.12 17.81
CA VAL B 127 -14.29 0.58 17.71
C VAL B 127 -14.59 -0.65 18.02
C VAL B 127 -14.56 -0.29 18.15
C VAL B 127 -14.62 -0.88 17.90
N ARG B 128 -13.61 -1.44 18.44
N ARG B 128 -13.62 -1.19 18.45
CA ARG B 128 -13.76 -2.88 18.61
CA ARG B 128 -13.92 -2.59 18.72
C ARG B 128 -12.53 -3.40 19.35
C ARG B 128 -12.88 -3.13 19.69
N GLU B 129 -12.72 -4.49 20.08
N GLU B 129 -13.06 -4.40 20.09
CA GLU B 129 -11.64 -5.07 20.85
CA GLU B 129 -12.15 -5.11 20.98
C GLU B 129 -10.58 -5.65 19.92
C GLU B 129 -11.05 -5.79 20.17
N PRO B 130 -9.35 -5.84 20.43
N PRO B 130 -9.95 -6.19 20.82
CA PRO B 130 -8.28 -6.47 19.64
CA PRO B 130 -8.94 -7.00 20.14
C PRO B 130 -8.72 -7.79 18.99
C PRO B 130 -9.47 -8.39 19.76
#